data_7T0D
#
_entry.id   7T0D
#
_cell.length_a   141.915
_cell.length_b   141.915
_cell.length_c   130.226
_cell.angle_alpha   90.000
_cell.angle_beta   90.000
_cell.angle_gamma   90.000
#
_symmetry.space_group_name_H-M   'P 43 21 2'
#
loop_
_entity.id
_entity.type
_entity.pdbx_description
1 polymer 'Protein farnesyltransferase/geranylgeranyltransferase type-1 subunit alpha'
2 polymer 'Protein farnesyltransferase subunit beta'
3 non-polymer 1,2-ETHANEDIOL
4 non-polymer 'SULFATE ION'
5 non-polymer '(2R)-3-(cyclohexylamino)-2-hydroxypropane-1-sulfonic acid'
6 non-polymer (5S)-4-({1-[(4-bromophenyl)methyl]-1H-imidazol-5-yl}methyl)-5-propyl-1-[3-(trifluoromethoxy)phenyl]piperazin-2-one
7 non-polymer 'ZINC ION'
8 non-polymer 'FARNESYL DIPHOSPHATE'
9 water water
#
loop_
_entity_poly.entity_id
_entity_poly.type
_entity_poly.pdbx_seq_one_letter_code
_entity_poly.pdbx_strand_id
1 'polypeptide(L)'
;MGSSHHHHHHSQDLMVTSTYIPMSQRRSWADVKPIMQDDGPNPVVPIMYSEEYKDAMDYFRAIAAKEEKSERALELTEII
VRMNPAHYTVWQYRFSLLTSLNKSLEDELRLMNEFAVQNLKSYQVWHHRLLLLDRISPQDPVSEIEYIHGSLLPDPKNYH
TWAYLHWLYSHFSTLGRISEAQWGSELDWCNEMLRVDGRNNSAWGWRWYLRVSRPGAETSSRSLQDELIYILKSIHLIPH
NVSAWNYLRGFLKHFSLPLVPILPAILPYTASKLNPDIETVEAFGFPMPSDPLPEDTPLPVPLALEYLADSFIEQNRVDD
AAKVFEKLSSEYDQMRAGYWEFRRRECAE
;
A
2 'polypeptide(L)'
;MATEFTPSVYSLVSKPLPSNSRPSATLDEQAETEDLISQLFDLTADPNALVSEHGKRYSGLRKQEHTQFLASSFFQLPGK
FVSLDASRPWLVFWTVHSLDLLGVALDQGTKDRVVSTLLHFLSPKGGFGGGPANSQIPHLLPTYASVCSLAIAGNDSSTG
GWKDLAAARQSIYEFFMRCKRPDGGFVVCEGGEVDVRGTYCLLVVATLLDIITPELLHNVDKFVSACQTYEGGFACASFP
FPSVVPSTSAFPTSEPSCRVSMAEAHGGYTSCSLNSHFLLTSVPLPSFPLSIDANAALRWTVLQQGEPIEGGGFRGRTNK
LVDGCYSWWVGGGAPVAEELVRREKSRKVKKSRIEVFEEEKEGDWEDVPPIPPIFNRVALQEFTLVAAQQDPGSTGGLRD
KPGKRPDQYHTCNNLSGLSIAQHKMSHSPSTVSSNRLKFDASKGLPAVKPVAPGGGWKNEDERQNARREIWANALGWIEE
EGGEIIVGGKDNRINTTTPVFNILGLRLKPFINYFYCQEN
;
B
#
# COMPACT_ATOMS: atom_id res chain seq x y z
N THR A 19 18.05 39.72 2.14
CA THR A 19 16.97 39.96 1.20
C THR A 19 17.13 39.07 -0.03
N TYR A 20 16.00 38.51 -0.48
CA TYR A 20 16.00 37.67 -1.67
C TYR A 20 16.25 38.50 -2.92
N ILE A 21 17.08 37.97 -3.82
CA ILE A 21 17.39 38.61 -5.09
C ILE A 21 16.68 37.81 -6.19
N PRO A 22 15.68 38.39 -6.86
CA PRO A 22 14.97 37.65 -7.92
C PRO A 22 15.91 37.25 -9.05
N MET A 23 15.60 36.12 -9.68
CA MET A 23 16.45 35.61 -10.73
C MET A 23 16.44 36.52 -11.95
N SER A 24 15.37 37.28 -12.15
CA SER A 24 15.35 38.27 -13.22
C SER A 24 16.39 39.35 -13.03
N GLN A 25 16.97 39.46 -11.83
CA GLN A 25 17.97 40.49 -11.54
C GLN A 25 19.36 39.89 -11.37
N ARG A 26 19.57 38.65 -11.81
CA ARG A 26 20.87 38.00 -11.72
C ARG A 26 21.50 37.96 -13.11
N ARG A 27 22.76 38.43 -13.18
CA ARG A 27 23.43 38.51 -14.48
C ARG A 27 23.54 37.15 -15.14
N SER A 28 23.76 36.09 -14.35
CA SER A 28 23.91 34.75 -14.91
C SER A 28 22.64 34.21 -15.56
N TRP A 29 21.50 34.85 -15.35
CA TRP A 29 20.23 34.36 -15.87
C TRP A 29 19.55 35.36 -16.82
N ALA A 30 20.26 36.42 -17.22
CA ALA A 30 19.62 37.50 -17.96
C ALA A 30 19.09 37.05 -19.31
N ASP A 31 19.70 36.02 -19.90
CA ASP A 31 19.28 35.55 -21.21
C ASP A 31 18.01 34.70 -21.18
N VAL A 32 17.48 34.38 -20.01
CA VAL A 32 16.42 33.40 -19.88
C VAL A 32 15.09 34.10 -19.61
N LYS A 33 14.09 33.80 -20.44
CA LYS A 33 12.75 34.31 -20.23
C LYS A 33 11.96 33.28 -19.41
N PRO A 34 11.58 33.57 -18.17
CA PRO A 34 10.84 32.58 -17.37
C PRO A 34 9.48 32.26 -17.99
N ILE A 35 8.99 31.06 -17.67
CA ILE A 35 7.72 30.56 -18.16
C ILE A 35 6.83 30.25 -16.97
N MET A 36 5.64 30.85 -16.94
CA MET A 36 4.71 30.71 -15.82
C MET A 36 4.03 29.35 -15.81
N GLN A 37 3.66 28.90 -14.62
CA GLN A 37 2.89 27.67 -14.46
C GLN A 37 1.54 27.78 -15.18
N ASP A 38 1.21 26.78 -16.02
CA ASP A 38 -0.02 26.83 -16.82
C ASP A 38 -1.10 25.94 -16.19
N ASP A 39 -1.75 26.49 -15.18
CA ASP A 39 -2.82 25.91 -14.39
C ASP A 39 -4.21 26.16 -14.97
N GLY A 40 -4.36 27.07 -15.92
CA GLY A 40 -5.66 27.58 -16.26
C GLY A 40 -6.01 28.74 -15.35
N PRO A 41 -7.17 29.38 -15.60
CA PRO A 41 -7.49 30.66 -14.92
C PRO A 41 -7.88 30.56 -13.45
N ASN A 42 -8.47 29.45 -13.00
CA ASN A 42 -8.96 29.33 -11.63
C ASN A 42 -8.87 27.89 -11.15
N PRO A 43 -7.64 27.39 -10.95
CA PRO A 43 -7.49 25.97 -10.63
C PRO A 43 -7.96 25.62 -9.23
N VAL A 44 -8.41 24.37 -9.05
CA VAL A 44 -8.63 23.81 -7.72
C VAL A 44 -7.29 23.37 -7.15
N VAL A 45 -7.29 23.03 -5.85
CA VAL A 45 -6.15 22.75 -4.99
C VAL A 45 -4.90 23.58 -5.33
N PRO A 46 -5.00 24.91 -5.40
CA PRO A 46 -3.79 25.71 -5.58
C PRO A 46 -3.02 25.82 -4.27
N ILE A 47 -1.70 25.94 -4.41
CA ILE A 47 -0.80 26.04 -3.27
C ILE A 47 -0.18 27.42 -3.25
N MET A 48 -0.19 28.08 -2.09
CA MET A 48 0.38 29.42 -1.99
C MET A 48 1.89 29.27 -1.89
N TYR A 49 2.58 29.50 -3.00
CA TYR A 49 4.02 29.27 -3.06
C TYR A 49 4.79 30.45 -2.52
N SER A 50 5.95 30.17 -1.91
CA SER A 50 6.87 31.26 -1.60
C SER A 50 7.39 31.89 -2.89
N GLU A 51 7.86 33.13 -2.77
CA GLU A 51 8.46 33.81 -3.92
C GLU A 51 9.66 33.04 -4.46
N GLU A 52 10.50 32.52 -3.57
CA GLU A 52 11.70 31.79 -4.01
C GLU A 52 11.34 30.55 -4.81
N TYR A 53 10.31 29.82 -4.37
CA TYR A 53 9.96 28.57 -5.04
C TYR A 53 9.32 28.84 -6.39
N LYS A 54 8.38 29.79 -6.45
CA LYS A 54 7.77 30.16 -7.73
C LYS A 54 8.82 30.64 -8.72
N ASP A 55 9.73 31.50 -8.26
CA ASP A 55 10.76 32.04 -9.14
C ASP A 55 11.64 30.92 -9.70
N ALA A 56 12.07 29.99 -8.84
CA ALA A 56 12.91 28.90 -9.30
C ALA A 56 12.18 28.00 -10.31
N MET A 57 10.90 27.72 -10.05
CA MET A 57 10.14 26.88 -10.98
C MET A 57 9.85 27.61 -12.29
N ASP A 58 9.59 28.92 -12.24
CA ASP A 58 9.45 29.73 -13.44
C ASP A 58 10.69 29.58 -14.34
N TYR A 59 11.87 29.57 -13.74
CA TYR A 59 13.07 29.44 -14.55
C TYR A 59 13.35 27.99 -14.90
N PHE A 60 12.92 27.03 -14.07
CA PHE A 60 13.06 25.63 -14.44
C PHE A 60 12.22 25.29 -15.66
N ARG A 61 10.97 25.79 -15.72
CA ARG A 61 10.13 25.56 -16.89
C ARG A 61 10.81 26.03 -18.17
N ALA A 62 11.49 27.18 -18.11
CA ALA A 62 12.21 27.69 -19.27
C ALA A 62 13.41 26.82 -19.61
N ILE A 63 14.18 26.41 -18.59
CA ILE A 63 15.35 25.56 -18.83
C ILE A 63 14.94 24.25 -19.48
N ALA A 64 13.89 23.62 -18.94
CA ALA A 64 13.42 22.35 -19.48
C ALA A 64 12.78 22.54 -20.86
N ALA A 65 12.20 23.71 -21.12
CA ALA A 65 11.62 23.96 -22.43
C ALA A 65 12.70 24.00 -23.51
N LYS A 66 13.82 24.68 -23.23
CA LYS A 66 14.94 24.71 -24.16
C LYS A 66 15.87 23.52 -24.03
N GLU A 67 15.57 22.57 -23.12
CA GLU A 67 16.37 21.35 -22.93
C GLU A 67 17.83 21.66 -22.66
N GLU A 68 18.06 22.68 -21.84
CA GLU A 68 19.42 23.10 -21.51
C GLU A 68 20.03 22.15 -20.49
N LYS A 69 21.23 21.65 -20.82
CA LYS A 69 22.02 20.83 -19.91
C LYS A 69 23.26 21.64 -19.54
N SER A 70 23.28 22.19 -18.34
CA SER A 70 24.32 23.14 -17.97
C SER A 70 24.54 23.11 -16.46
N GLU A 71 25.63 23.73 -16.03
CA GLU A 71 25.89 23.85 -14.60
C GLU A 71 24.84 24.71 -13.90
N ARG A 72 24.37 25.79 -14.57
CA ARG A 72 23.36 26.60 -13.90
C ARG A 72 22.04 25.85 -13.78
N ALA A 73 21.73 25.00 -14.76
CA ALA A 73 20.54 24.16 -14.64
C ALA A 73 20.71 23.14 -13.51
N LEU A 74 21.91 22.61 -13.35
CA LEU A 74 22.19 21.68 -12.25
C LEU A 74 22.01 22.37 -10.91
N GLU A 75 22.59 23.57 -10.76
CA GLU A 75 22.40 24.34 -9.53
C GLU A 75 20.93 24.64 -9.28
N LEU A 76 20.18 24.92 -10.34
CA LEU A 76 18.77 25.24 -10.16
C LEU A 76 18.00 24.04 -9.65
N THR A 77 18.31 22.85 -10.15
CA THR A 77 17.57 21.67 -9.67
C THR A 77 17.84 21.43 -8.19
N GLU A 78 19.08 21.67 -7.74
CA GLU A 78 19.39 21.49 -6.32
C GLU A 78 18.59 22.46 -5.46
N ILE A 79 18.50 23.73 -5.87
CA ILE A 79 17.69 24.71 -5.16
C ILE A 79 16.26 24.21 -5.01
N ILE A 80 15.71 23.61 -6.07
CA ILE A 80 14.30 23.24 -6.07
C ILE A 80 14.06 22.02 -5.20
N VAL A 81 14.90 20.98 -5.32
CA VAL A 81 14.65 19.80 -4.51
C VAL A 81 14.96 20.02 -3.03
N ARG A 82 15.75 21.04 -2.69
CA ARG A 82 15.90 21.39 -1.28
C ARG A 82 14.59 21.95 -0.72
N MET A 83 13.84 22.68 -1.55
CA MET A 83 12.55 23.21 -1.11
C MET A 83 11.45 22.18 -1.20
N ASN A 84 11.52 21.27 -2.17
CA ASN A 84 10.52 20.22 -2.34
C ASN A 84 11.22 18.92 -2.74
N PRO A 85 11.61 18.10 -1.76
CA PRO A 85 12.33 16.85 -2.08
C PRO A 85 11.49 15.82 -2.81
N ALA A 86 10.17 16.02 -2.93
CA ALA A 86 9.31 15.06 -3.60
C ALA A 86 9.02 15.43 -5.06
N HIS A 87 9.77 16.36 -5.64
CA HIS A 87 9.46 16.86 -7.00
C HIS A 87 10.11 15.93 -8.02
N TYR A 88 9.38 14.88 -8.41
CA TYR A 88 9.97 13.81 -9.21
C TYR A 88 10.45 14.32 -10.58
N THR A 89 9.77 15.31 -11.16
CA THR A 89 10.19 15.83 -12.46
C THR A 89 11.57 16.49 -12.37
N VAL A 90 11.82 17.25 -11.30
CA VAL A 90 13.09 17.94 -11.17
C VAL A 90 14.21 16.96 -10.85
N TRP A 91 13.91 15.92 -10.06
CA TRP A 91 14.88 14.85 -9.84
C TRP A 91 15.24 14.14 -11.13
N GLN A 92 14.24 13.85 -11.97
CA GLN A 92 14.51 13.21 -13.26
C GLN A 92 15.42 14.09 -14.11
N TYR A 93 15.13 15.39 -14.15
CA TYR A 93 15.98 16.32 -14.89
C TYR A 93 17.37 16.40 -14.30
N ARG A 94 17.48 16.36 -12.98
CA ARG A 94 18.81 16.41 -12.35
C ARG A 94 19.66 15.21 -12.76
N PHE A 95 19.08 14.01 -12.76
CA PHE A 95 19.87 12.83 -13.12
C PHE A 95 20.35 12.90 -14.56
N SER A 96 19.49 13.37 -15.48
CA SER A 96 19.94 13.49 -16.86
C SER A 96 21.01 14.57 -17.01
N LEU A 97 20.98 15.60 -16.16
CA LEU A 97 22.06 16.59 -16.15
C LEU A 97 23.38 15.96 -15.72
N LEU A 98 23.34 15.14 -14.66
CA LEU A 98 24.56 14.48 -14.18
C LEU A 98 25.18 13.60 -15.26
N THR A 99 24.37 12.81 -15.95
CA THR A 99 24.93 11.90 -16.95
C THR A 99 25.36 12.65 -18.21
N SER A 100 24.57 13.66 -18.64
CA SER A 100 24.95 14.43 -19.82
C SER A 100 26.26 15.18 -19.60
N LEU A 101 26.42 15.79 -18.43
CA LEU A 101 27.62 16.55 -18.14
C LEU A 101 28.78 15.67 -17.67
N ASN A 102 28.57 14.37 -17.52
CA ASN A 102 29.60 13.47 -16.98
C ASN A 102 30.13 14.00 -15.64
N LYS A 103 29.21 14.39 -14.77
CA LYS A 103 29.55 14.88 -13.45
C LYS A 103 30.05 13.74 -12.56
N SER A 104 30.79 14.12 -11.52
CA SER A 104 31.25 13.15 -10.52
C SER A 104 30.05 12.60 -9.76
N LEU A 105 29.76 11.32 -9.95
CA LEU A 105 28.63 10.72 -9.25
C LEU A 105 28.96 10.44 -7.79
N GLU A 106 30.25 10.30 -7.45
CA GLU A 106 30.63 10.16 -6.05
C GLU A 106 30.40 11.44 -5.27
N ASP A 107 30.68 12.60 -5.89
CA ASP A 107 30.30 13.88 -5.28
C ASP A 107 28.79 13.97 -5.07
N GLU A 108 28.01 13.55 -6.06
CA GLU A 108 26.57 13.61 -5.88
C GLU A 108 26.12 12.71 -4.74
N LEU A 109 26.77 11.55 -4.59
CA LEU A 109 26.44 10.66 -3.50
C LEU A 109 26.74 11.30 -2.15
N ARG A 110 27.84 12.07 -2.07
CA ARG A 110 28.12 12.82 -0.86
C ARG A 110 27.05 13.88 -0.60
N LEU A 111 26.47 14.45 -1.66
CA LEU A 111 25.38 15.41 -1.46
C LEU A 111 24.14 14.72 -0.91
N MET A 112 23.84 13.51 -1.41
CA MET A 112 22.71 12.76 -0.90
C MET A 112 22.89 12.40 0.57
N ASN A 113 24.14 12.16 1.01
CA ASN A 113 24.39 11.94 2.44
C ASN A 113 23.95 13.14 3.25
N GLU A 114 24.13 14.35 2.71
CA GLU A 114 23.70 15.55 3.42
C GLU A 114 22.19 15.68 3.45
N PHE A 115 21.52 15.34 2.34
CA PHE A 115 20.06 15.40 2.31
C PHE A 115 19.45 14.55 3.41
N ALA A 116 19.98 13.34 3.64
CA ALA A 116 19.52 12.53 4.75
C ALA A 116 19.76 13.24 6.09
N VAL A 117 20.94 13.84 6.25
CA VAL A 117 21.30 14.51 7.50
C VAL A 117 20.31 15.64 7.80
N GLN A 118 20.05 16.49 6.80
CA GLN A 118 19.14 17.62 6.95
C GLN A 118 17.67 17.20 6.81
N ASN A 119 17.40 15.90 6.81
CA ASN A 119 16.05 15.35 6.81
C ASN A 119 15.28 15.72 5.54
N LEU A 120 15.99 15.74 4.41
CA LEU A 120 15.35 15.83 3.10
C LEU A 120 15.23 14.40 2.57
N LYS A 121 14.00 13.92 2.40
CA LYS A 121 13.75 12.51 2.11
C LYS A 121 12.43 12.33 1.36
N SER A 122 12.37 11.26 0.57
CA SER A 122 11.20 10.88 -0.23
C SER A 122 11.52 9.59 -0.97
N TYR A 123 10.48 9.02 -1.62
CA TYR A 123 10.73 8.01 -2.66
C TYR A 123 11.77 8.50 -3.67
N GLN A 124 11.71 9.79 -4.02
CA GLN A 124 12.52 10.32 -5.13
C GLN A 124 14.01 10.37 -4.76
N VAL A 125 14.32 10.77 -3.53
CA VAL A 125 15.71 10.84 -3.07
C VAL A 125 16.32 9.44 -2.98
N TRP A 126 15.56 8.49 -2.41
CA TRP A 126 16.04 7.12 -2.34
C TRP A 126 16.27 6.54 -3.72
N HIS A 127 15.35 6.81 -4.64
CA HIS A 127 15.53 6.28 -5.99
C HIS A 127 16.71 6.93 -6.69
N HIS A 128 16.95 8.22 -6.45
CA HIS A 128 18.14 8.89 -6.98
C HIS A 128 19.41 8.20 -6.53
N ARG A 129 19.46 7.83 -5.25
CA ARG A 129 20.63 7.13 -4.72
C ARG A 129 20.83 5.78 -5.42
N LEU A 130 19.73 5.06 -5.66
CA LEU A 130 19.83 3.77 -6.35
C LEU A 130 20.38 3.94 -7.76
N LEU A 131 19.87 4.94 -8.49
CA LEU A 131 20.35 5.24 -9.84
C LEU A 131 21.83 5.59 -9.84
N LEU A 132 22.29 6.30 -8.82
CA LEU A 132 23.72 6.61 -8.72
C LEU A 132 24.53 5.33 -8.55
N LEU A 133 24.13 4.47 -7.60
CA LEU A 133 24.86 3.22 -7.37
C LEU A 133 24.85 2.34 -8.61
N ASP A 134 23.71 2.23 -9.27
CA ASP A 134 23.60 1.46 -10.51
C ASP A 134 24.58 1.96 -11.55
N ARG A 135 24.66 3.28 -11.72
CA ARG A 135 25.51 3.83 -12.79
C ARG A 135 26.99 3.86 -12.39
N ILE A 136 27.31 4.21 -11.14
CA ILE A 136 28.70 4.08 -10.69
C ILE A 136 29.16 2.63 -10.85
N SER A 137 28.32 1.68 -10.45
CA SER A 137 28.61 0.26 -10.54
C SER A 137 29.96 -0.06 -9.88
N PRO A 138 30.11 0.22 -8.57
CA PRO A 138 31.40 -0.05 -7.92
C PRO A 138 31.74 -1.52 -7.98
N GLN A 139 33.04 -1.83 -8.03
N GLN A 139 33.05 -1.80 -8.05
CA GLN A 139 33.44 -3.23 -7.99
CA GLN A 139 33.54 -3.17 -7.97
C GLN A 139 33.21 -3.83 -6.61
C GLN A 139 33.18 -3.80 -6.63
N ASP A 140 33.20 -3.01 -5.56
CA ASP A 140 32.85 -3.50 -4.22
C ASP A 140 31.93 -2.48 -3.57
N PRO A 141 30.67 -2.84 -3.27
CA PRO A 141 29.73 -1.85 -2.71
C PRO A 141 29.78 -1.76 -1.19
N VAL A 142 30.87 -2.23 -0.57
CA VAL A 142 30.91 -2.37 0.90
C VAL A 142 30.71 -1.02 1.59
N SER A 143 31.22 0.07 1.01
CA SER A 143 31.07 1.38 1.62
C SER A 143 29.62 1.82 1.65
N GLU A 144 28.86 1.51 0.60
CA GLU A 144 27.45 1.88 0.60
C GLU A 144 26.65 1.00 1.56
N ILE A 145 27.02 -0.28 1.68
CA ILE A 145 26.35 -1.15 2.64
C ILE A 145 26.50 -0.59 4.05
N GLU A 146 27.72 -0.18 4.41
CA GLU A 146 27.98 0.35 5.74
C GLU A 146 27.24 1.66 5.97
N TYR A 147 27.17 2.52 4.96
CA TYR A 147 26.38 3.73 5.08
C TYR A 147 24.92 3.41 5.39
N ILE A 148 24.33 2.47 4.63
CA ILE A 148 22.94 2.12 4.85
C ILE A 148 22.72 1.61 6.27
N HIS A 149 23.66 0.79 6.77
CA HIS A 149 23.55 0.29 8.14
C HIS A 149 23.53 1.43 9.14
N GLY A 150 24.44 2.39 9.01
CA GLY A 150 24.46 3.51 9.94
C GLY A 150 23.22 4.38 9.84
N SER A 151 22.66 4.50 8.63
CA SER A 151 21.52 5.39 8.44
C SER A 151 20.25 4.86 9.11
N LEU A 152 20.20 3.57 9.42
CA LEU A 152 19.08 3.01 10.15
C LEU A 152 19.04 3.42 11.63
N LEU A 153 19.99 4.25 12.12
CA LEU A 153 20.00 4.62 13.54
C LEU A 153 18.81 5.47 13.95
N PRO A 154 18.44 6.55 13.25
CA PRO A 154 17.24 7.29 13.67
C PRO A 154 15.93 6.56 13.41
N ASP A 155 15.85 5.66 12.43
CA ASP A 155 14.64 4.86 12.21
C ASP A 155 15.02 3.45 11.78
N PRO A 156 15.11 2.50 12.71
CA PRO A 156 15.48 1.13 12.35
C PRO A 156 14.42 0.36 11.58
N LYS A 157 13.26 0.96 11.29
CA LYS A 157 12.21 0.30 10.53
C LYS A 157 11.87 1.04 9.23
N ASN A 158 12.72 1.98 8.81
CA ASN A 158 12.48 2.73 7.59
C ASN A 158 12.30 1.80 6.40
N TYR A 159 11.09 1.77 5.84
CA TYR A 159 10.77 0.80 4.80
C TYR A 159 11.61 1.04 3.54
N HIS A 160 11.75 2.30 3.12
CA HIS A 160 12.60 2.59 1.96
C HIS A 160 14.02 2.06 2.14
N THR A 161 14.57 2.22 3.35
CA THR A 161 15.96 1.83 3.58
C THR A 161 16.12 0.32 3.49
N TRP A 162 15.20 -0.44 4.10
CA TRP A 162 15.28 -1.89 4.01
C TRP A 162 15.10 -2.40 2.58
N ALA A 163 14.15 -1.81 1.83
CA ALA A 163 14.00 -2.20 0.42
C ALA A 163 15.26 -1.88 -0.38
N TYR A 164 15.88 -0.73 -0.13
CA TYR A 164 17.09 -0.37 -0.83
C TYR A 164 18.23 -1.34 -0.50
N LEU A 165 18.34 -1.76 0.78
CA LEU A 165 19.36 -2.75 1.16
C LEU A 165 19.16 -4.08 0.42
N HIS A 166 17.90 -4.56 0.36
CA HIS A 166 17.56 -5.73 -0.47
C HIS A 166 18.00 -5.53 -1.91
N TRP A 167 17.68 -4.36 -2.51
CA TRP A 167 18.05 -4.13 -3.90
C TRP A 167 19.57 -4.15 -4.08
N LEU A 168 20.29 -3.53 -3.15
CA LEU A 168 21.74 -3.41 -3.29
C LEU A 168 22.41 -4.78 -3.31
N TYR A 169 22.05 -5.65 -2.36
CA TYR A 169 22.63 -7.00 -2.33
C TYR A 169 22.17 -7.83 -3.52
N SER A 170 20.92 -7.65 -3.96
CA SER A 170 20.41 -8.43 -5.08
C SER A 170 21.10 -8.02 -6.38
N HIS A 171 21.17 -6.72 -6.63
CA HIS A 171 21.79 -6.19 -7.84
C HIS A 171 23.27 -6.56 -7.90
N PHE A 172 24.02 -6.27 -6.84
CA PHE A 172 25.45 -6.53 -6.92
C PHE A 172 25.79 -8.02 -6.78
N SER A 173 24.90 -8.84 -6.20
CA SER A 173 25.17 -10.27 -6.23
C SER A 173 24.94 -10.85 -7.62
N THR A 174 23.99 -10.28 -8.37
CA THR A 174 23.82 -10.68 -9.76
C THR A 174 25.07 -10.41 -10.60
N LEU A 175 25.85 -9.38 -10.24
CA LEU A 175 27.10 -9.09 -10.91
C LEU A 175 28.27 -9.90 -10.36
N GLY A 176 28.02 -10.77 -9.38
CA GLY A 176 29.05 -11.59 -8.78
C GLY A 176 29.92 -10.89 -7.77
N ARG A 177 29.47 -9.76 -7.21
CA ARG A 177 30.35 -8.88 -6.44
C ARG A 177 30.11 -8.94 -4.93
N ILE A 178 29.26 -9.83 -4.43
CA ILE A 178 29.11 -10.04 -2.99
C ILE A 178 29.87 -11.31 -2.61
N SER A 179 30.91 -11.16 -1.80
CA SER A 179 31.73 -12.31 -1.39
C SER A 179 31.08 -13.06 -0.24
N GLU A 180 31.59 -14.29 0.01
CA GLU A 180 31.11 -15.08 1.14
C GLU A 180 31.39 -14.36 2.46
N ALA A 181 32.53 -13.69 2.58
CA ALA A 181 32.82 -12.92 3.78
C ALA A 181 31.79 -11.81 3.96
N GLN A 182 31.39 -11.16 2.86
CA GLN A 182 30.43 -10.07 2.96
C GLN A 182 29.06 -10.60 3.41
N TRP A 183 28.57 -11.70 2.82
CA TRP A 183 27.32 -12.32 3.29
C TRP A 183 27.41 -12.67 4.78
N GLY A 184 28.56 -13.18 5.20
CA GLY A 184 28.71 -13.59 6.59
C GLY A 184 28.61 -12.42 7.56
N SER A 185 29.27 -11.31 7.23
CA SER A 185 29.15 -10.16 8.12
C SER A 185 27.77 -9.53 8.05
N GLU A 186 27.04 -9.68 6.93
CA GLU A 186 25.67 -9.16 6.89
C GLU A 186 24.77 -9.93 7.85
N LEU A 187 24.94 -11.25 7.95
CA LEU A 187 24.14 -11.99 8.94
C LEU A 187 24.55 -11.60 10.36
N ASP A 188 25.85 -11.39 10.59
CA ASP A 188 26.31 -10.90 11.90
C ASP A 188 25.61 -9.59 12.26
N TRP A 189 25.56 -8.66 11.31
CA TRP A 189 24.88 -7.40 11.58
C TRP A 189 23.39 -7.62 11.81
N CYS A 190 22.77 -8.51 11.03
CA CYS A 190 21.35 -8.77 11.22
C CYS A 190 21.06 -9.35 12.60
N ASN A 191 21.91 -10.28 13.06
CA ASN A 191 21.74 -10.89 14.38
C ASN A 191 21.84 -9.85 15.48
N GLU A 192 22.75 -8.87 15.32
CA GLU A 192 22.86 -7.81 16.31
C GLU A 192 21.63 -6.91 16.31
N MET A 193 21.09 -6.60 15.12
CA MET A 193 19.85 -5.80 15.06
C MET A 193 18.75 -6.47 15.85
N LEU A 194 18.59 -7.79 15.68
CA LEU A 194 17.52 -8.49 16.40
C LEU A 194 17.84 -8.66 17.88
N ARG A 195 19.12 -8.66 18.24
CA ARG A 195 19.48 -8.65 19.66
C ARG A 195 19.08 -7.34 20.33
N VAL A 196 19.27 -6.21 19.63
CA VAL A 196 18.92 -4.92 20.21
C VAL A 196 17.39 -4.75 20.27
N ASP A 197 16.66 -5.25 19.27
CA ASP A 197 15.19 -5.21 19.30
C ASP A 197 14.65 -6.44 18.58
N GLY A 198 14.35 -7.50 19.33
CA GLY A 198 13.79 -8.70 18.74
C GLY A 198 12.42 -8.50 18.09
N ARG A 199 11.75 -7.37 18.35
CA ARG A 199 10.47 -7.07 17.72
C ARG A 199 10.61 -6.25 16.44
N ASN A 200 11.82 -6.12 15.91
CA ASN A 200 12.01 -5.42 14.64
C ASN A 200 11.69 -6.37 13.49
N ASN A 201 10.46 -6.28 12.98
CA ASN A 201 10.02 -7.17 11.91
C ASN A 201 10.76 -6.92 10.60
N SER A 202 11.32 -5.72 10.41
CA SER A 202 12.15 -5.47 9.23
C SER A 202 13.42 -6.33 9.25
N ALA A 203 14.03 -6.48 10.43
CA ALA A 203 15.25 -7.29 10.51
C ALA A 203 14.94 -8.78 10.39
N TRP A 204 13.78 -9.22 10.89
CA TRP A 204 13.31 -10.57 10.59
C TRP A 204 13.14 -10.79 9.08
N GLY A 205 12.55 -9.82 8.37
CA GLY A 205 12.47 -9.94 6.92
C GLY A 205 13.83 -10.05 6.25
N TRP A 206 14.80 -9.27 6.74
CA TRP A 206 16.15 -9.34 6.21
C TRP A 206 16.79 -10.70 6.48
N ARG A 207 16.59 -11.24 7.68
CA ARG A 207 17.09 -12.59 7.97
C ARG A 207 16.54 -13.60 6.97
N TRP A 208 15.26 -13.47 6.62
CA TRP A 208 14.66 -14.40 5.65
C TRP A 208 15.37 -14.34 4.31
N TYR A 209 15.68 -13.13 3.84
CA TYR A 209 16.44 -13.00 2.60
C TYR A 209 17.81 -13.66 2.74
N LEU A 210 18.51 -13.37 3.83
CA LEU A 210 19.88 -13.85 4.00
C LEU A 210 19.91 -15.37 4.11
N ARG A 211 18.92 -15.97 4.78
CA ARG A 211 18.99 -17.38 5.11
C ARG A 211 18.14 -18.27 4.20
N VAL A 212 17.09 -17.73 3.58
CA VAL A 212 16.13 -18.58 2.89
C VAL A 212 15.98 -18.21 1.41
N SER A 213 15.64 -16.95 1.11
CA SER A 213 15.14 -16.63 -0.22
C SER A 213 16.22 -16.25 -1.22
N ARG A 214 17.32 -15.63 -0.79
CA ARG A 214 18.34 -15.24 -1.76
C ARG A 214 18.84 -16.48 -2.53
N PRO A 215 19.13 -16.35 -3.82
CA PRO A 215 19.44 -17.55 -4.62
C PRO A 215 20.67 -18.31 -4.14
N GLY A 216 21.64 -17.65 -3.52
CA GLY A 216 22.83 -18.36 -3.08
C GLY A 216 22.75 -19.03 -1.72
N ALA A 217 21.61 -18.96 -1.03
CA ALA A 217 21.52 -19.52 0.32
C ALA A 217 21.72 -21.02 0.31
N GLU A 218 22.35 -21.54 1.36
CA GLU A 218 22.56 -22.97 1.55
C GLU A 218 21.31 -23.61 2.13
N THR A 219 20.91 -24.76 1.58
CA THR A 219 19.88 -25.60 2.18
C THR A 219 20.47 -26.98 2.44
N SER A 220 20.69 -27.30 3.71
CA SER A 220 21.19 -28.59 4.13
C SER A 220 20.53 -28.96 5.44
N SER A 221 20.79 -30.17 5.92
CA SER A 221 20.21 -30.57 7.20
C SER A 221 20.80 -29.76 8.35
N ARG A 222 22.09 -29.39 8.25
CA ARG A 222 22.68 -28.52 9.25
C ARG A 222 22.02 -27.15 9.26
N SER A 223 21.83 -26.54 8.09
CA SER A 223 21.29 -25.18 8.03
C SER A 223 19.84 -25.16 8.51
N LEU A 224 19.07 -26.20 8.18
CA LEU A 224 17.69 -26.29 8.68
C LEU A 224 17.66 -26.45 10.19
N GLN A 225 18.56 -27.27 10.72
CA GLN A 225 18.66 -27.43 12.17
C GLN A 225 19.05 -26.12 12.84
N ASP A 226 20.07 -25.44 12.32
CA ASP A 226 20.49 -24.17 12.89
C ASP A 226 19.36 -23.15 12.86
N GLU A 227 18.67 -23.03 11.74
CA GLU A 227 17.62 -22.02 11.62
C GLU A 227 16.51 -22.29 12.62
N LEU A 228 16.07 -23.54 12.73
CA LEU A 228 15.02 -23.90 13.69
C LEU A 228 15.46 -23.57 15.12
N ILE A 229 16.73 -23.81 15.45
CA ILE A 229 17.23 -23.49 16.79
C ILE A 229 17.12 -21.99 17.06
N TYR A 230 17.51 -21.17 16.09
CA TYR A 230 17.45 -19.71 16.27
C TYR A 230 16.02 -19.24 16.44
N ILE A 231 15.09 -19.80 15.66
CA ILE A 231 13.68 -19.41 15.76
C ILE A 231 13.13 -19.75 17.14
N LEU A 232 13.34 -21.00 17.58
CA LEU A 232 12.77 -21.43 18.85
C LEU A 232 13.37 -20.66 20.02
N LYS A 233 14.69 -20.43 20.01
CA LYS A 233 15.31 -19.61 21.04
C LYS A 233 14.68 -18.22 21.08
N SER A 234 14.38 -17.65 19.90
CA SER A 234 13.78 -16.33 19.84
C SER A 234 12.38 -16.34 20.44
N ILE A 235 11.60 -17.37 20.15
CA ILE A 235 10.27 -17.48 20.74
C ILE A 235 10.36 -17.62 22.26
N HIS A 236 11.31 -18.43 22.74
CA HIS A 236 11.42 -18.60 24.20
C HIS A 236 11.89 -17.32 24.88
N LEU A 237 12.63 -16.46 24.17
CA LEU A 237 13.03 -15.18 24.73
C LEU A 237 11.85 -14.21 24.82
N ILE A 238 11.02 -14.15 23.78
CA ILE A 238 9.87 -13.24 23.72
C ILE A 238 8.65 -14.03 23.26
N PRO A 239 7.97 -14.76 24.14
CA PRO A 239 6.87 -15.63 23.70
C PRO A 239 5.71 -14.93 23.02
N HIS A 240 5.51 -13.63 23.26
CA HIS A 240 4.40 -12.93 22.62
C HIS A 240 4.82 -12.16 21.37
N ASN A 241 6.02 -12.41 20.86
CA ASN A 241 6.53 -11.70 19.68
C ASN A 241 5.95 -12.30 18.41
N VAL A 242 5.03 -11.57 17.77
CA VAL A 242 4.36 -12.05 16.56
C VAL A 242 5.37 -12.29 15.43
N SER A 243 6.42 -11.47 15.36
CA SER A 243 7.44 -11.61 14.32
C SER A 243 8.07 -13.00 14.33
N ALA A 244 8.37 -13.52 15.53
CA ALA A 244 8.98 -14.83 15.64
C ALA A 244 8.02 -15.95 15.27
N TRP A 245 6.75 -15.84 15.70
CA TRP A 245 5.76 -16.84 15.33
C TRP A 245 5.54 -16.88 13.82
N ASN A 246 5.43 -15.71 13.16
CA ASN A 246 5.22 -15.69 11.73
C ASN A 246 6.42 -16.28 10.99
N TYR A 247 7.62 -15.99 11.46
CA TYR A 247 8.81 -16.57 10.82
C TYR A 247 8.83 -18.08 11.00
N LEU A 248 8.48 -18.58 12.19
CA LEU A 248 8.38 -20.02 12.39
C LEU A 248 7.38 -20.64 11.42
N ARG A 249 6.19 -20.05 11.29
CA ARG A 249 5.18 -20.66 10.43
C ARG A 249 5.60 -20.60 8.96
N GLY A 250 6.17 -19.48 8.54
CA GLY A 250 6.68 -19.40 7.17
C GLY A 250 7.80 -20.39 6.92
N PHE A 251 8.70 -20.53 7.89
CA PHE A 251 9.82 -21.48 7.75
C PHE A 251 9.32 -22.90 7.53
N LEU A 252 8.48 -23.39 8.45
CA LEU A 252 7.98 -24.76 8.35
C LEU A 252 7.23 -24.97 7.04
N LYS A 253 6.37 -24.02 6.69
CA LYS A 253 5.60 -24.14 5.45
C LYS A 253 6.52 -24.15 4.24
N HIS A 254 7.49 -23.23 4.20
CA HIS A 254 8.34 -23.11 3.02
C HIS A 254 9.09 -24.41 2.75
N PHE A 255 9.56 -25.07 3.80
CA PHE A 255 10.37 -26.28 3.66
C PHE A 255 9.56 -27.55 3.86
N SER A 256 8.23 -27.47 3.88
CA SER A 256 7.37 -28.64 4.04
C SER A 256 7.78 -29.48 5.24
N LEU A 257 7.97 -28.81 6.38
CA LEU A 257 8.36 -29.54 7.57
C LEU A 257 7.14 -29.78 8.47
N PRO A 258 7.02 -30.96 9.06
CA PRO A 258 5.85 -31.24 9.92
C PRO A 258 5.87 -30.38 11.16
N LEU A 259 4.67 -30.05 11.64
CA LEU A 259 4.51 -29.29 12.86
C LEU A 259 4.61 -30.16 14.11
N VAL A 260 4.18 -31.41 14.02
CA VAL A 260 4.04 -32.24 15.22
C VAL A 260 5.36 -32.44 15.97
N PRO A 261 6.48 -32.81 15.32
CA PRO A 261 7.71 -33.07 16.09
C PRO A 261 8.17 -31.90 16.93
N ILE A 262 7.76 -30.67 16.61
CA ILE A 262 8.20 -29.49 17.33
C ILE A 262 7.26 -29.13 18.48
N LEU A 263 6.06 -29.70 18.52
CA LEU A 263 5.01 -29.46 19.51
C LEU A 263 5.49 -29.42 20.96
N PRO A 264 6.45 -30.27 21.38
CA PRO A 264 6.97 -30.14 22.77
C PRO A 264 7.44 -28.74 23.14
N ALA A 265 8.05 -28.00 22.21
CA ALA A 265 8.50 -26.65 22.51
C ALA A 265 7.35 -25.64 22.50
N ILE A 266 6.19 -25.98 21.96
CA ILE A 266 5.11 -25.02 21.78
C ILE A 266 4.03 -25.24 22.84
N LEU A 267 3.81 -26.50 23.22
CA LEU A 267 2.73 -26.84 24.15
C LEU A 267 2.74 -26.05 25.46
N PRO A 268 3.88 -25.76 26.09
CA PRO A 268 3.84 -24.94 27.31
C PRO A 268 3.19 -23.58 27.14
N TYR A 269 3.08 -23.07 25.92
CA TYR A 269 2.47 -21.77 25.71
C TYR A 269 0.97 -21.86 25.47
N THR A 270 0.41 -23.07 25.41
CA THR A 270 -1.00 -23.28 25.14
C THR A 270 -1.82 -23.51 26.39
N ALA A 271 -1.19 -23.50 27.57
CA ALA A 271 -1.91 -23.77 28.81
C ALA A 271 -2.76 -22.57 29.21
N PHE A 284 14.41 -32.30 24.04
CA PHE A 284 14.19 -33.23 22.92
C PHE A 284 15.12 -32.88 21.76
N GLY A 285 16.20 -32.17 22.08
CA GLY A 285 17.14 -31.74 21.08
C GLY A 285 16.99 -30.27 20.72
N PHE A 286 15.77 -29.82 20.58
CA PHE A 286 15.59 -28.43 20.21
C PHE A 286 15.27 -27.60 21.45
N PRO A 287 15.50 -26.28 21.39
CA PRO A 287 15.31 -25.45 22.57
C PRO A 287 13.90 -25.56 23.15
N MET A 288 13.83 -25.57 24.48
CA MET A 288 12.61 -25.67 25.26
C MET A 288 12.40 -24.39 26.08
N PRO A 289 11.17 -24.09 26.47
CA PRO A 289 10.93 -22.90 27.30
C PRO A 289 11.65 -22.99 28.64
N SER A 290 11.87 -21.84 29.25
CA SER A 290 12.46 -21.70 30.60
C SER A 290 11.56 -22.42 31.62
N ASP A 291 12.15 -23.12 32.60
CA ASP A 291 11.37 -23.98 33.54
C ASP A 291 10.28 -23.21 34.23
N PRO A 292 10.57 -22.07 34.84
CA PRO A 292 9.53 -21.13 35.11
C PRO A 292 9.65 -20.23 33.85
N LEU A 293 8.53 -19.84 33.25
CA LEU A 293 8.43 -18.93 32.13
C LEU A 293 8.85 -17.53 32.58
N PRO A 294 9.29 -16.68 31.65
CA PRO A 294 9.58 -15.28 32.01
C PRO A 294 8.34 -14.62 32.61
N GLU A 295 8.58 -13.66 33.51
CA GLU A 295 7.48 -12.91 34.05
C GLU A 295 6.81 -12.08 32.96
N ASP A 296 5.57 -11.69 33.22
CA ASP A 296 4.74 -10.95 32.26
C ASP A 296 4.57 -11.76 30.96
N THR A 297 4.18 -13.02 31.12
CA THR A 297 3.92 -13.94 30.01
C THR A 297 2.58 -14.63 30.27
N PRO A 298 1.47 -13.91 30.11
CA PRO A 298 0.16 -14.53 30.34
C PRO A 298 -0.13 -15.61 29.31
N LEU A 299 -0.78 -16.67 29.76
CA LEU A 299 -1.10 -17.81 28.92
C LEU A 299 -2.60 -17.93 28.72
N PRO A 300 -3.07 -18.49 27.60
CA PRO A 300 -2.23 -19.00 26.50
C PRO A 300 -1.83 -17.91 25.51
N VAL A 301 -0.78 -18.20 24.74
CA VAL A 301 -0.35 -17.35 23.64
C VAL A 301 -1.22 -17.71 22.42
N PRO A 302 -2.00 -16.76 21.87
CA PRO A 302 -2.93 -17.14 20.79
C PRO A 302 -2.27 -17.80 19.59
N LEU A 303 -1.10 -17.33 19.15
CA LEU A 303 -0.46 -17.98 18.01
C LEU A 303 0.09 -19.36 18.37
N ALA A 304 0.33 -19.63 19.65
CA ALA A 304 0.62 -21.01 20.06
C ALA A 304 -0.59 -21.90 19.88
N LEU A 305 -1.78 -21.40 20.20
CA LEU A 305 -3.00 -22.16 19.97
C LEU A 305 -3.23 -22.40 18.47
N GLU A 306 -2.92 -21.40 17.63
CA GLU A 306 -3.01 -21.60 16.19
C GLU A 306 -2.08 -22.73 15.74
N TYR A 307 -0.87 -22.76 16.30
CA TYR A 307 0.05 -23.86 16.01
C TYR A 307 -0.56 -25.21 16.42
N LEU A 308 -1.14 -25.27 17.62
CA LEU A 308 -1.77 -26.50 18.08
C LEU A 308 -2.90 -26.93 17.15
N ALA A 309 -3.80 -25.99 16.79
CA ALA A 309 -4.91 -26.35 15.92
C ALA A 309 -4.40 -26.89 14.57
N ASP A 310 -3.42 -26.22 13.97
CA ASP A 310 -2.89 -26.68 12.69
C ASP A 310 -2.18 -28.02 12.81
N SER A 311 -1.54 -28.29 13.94
CA SER A 311 -0.90 -29.60 14.11
C SER A 311 -1.95 -30.69 14.32
N PHE A 312 -3.08 -30.37 14.95
CA PHE A 312 -4.21 -31.30 14.97
C PHE A 312 -4.67 -31.62 13.56
N ILE A 313 -4.80 -30.58 12.72
CA ILE A 313 -5.22 -30.78 11.33
C ILE A 313 -4.22 -31.65 10.59
N GLU A 314 -2.92 -31.42 10.82
CA GLU A 314 -1.89 -32.28 10.26
C GLU A 314 -2.06 -33.73 10.70
N GLN A 315 -2.60 -33.96 11.89
CA GLN A 315 -2.89 -35.31 12.35
C GLN A 315 -4.27 -35.81 11.93
N ASN A 316 -4.99 -35.01 11.13
CA ASN A 316 -6.36 -35.32 10.71
C ASN A 316 -7.33 -35.40 11.89
N ARG A 317 -7.01 -34.73 12.99
CA ARG A 317 -7.92 -34.68 14.14
C ARG A 317 -8.73 -33.38 14.10
N VAL A 318 -9.72 -33.37 13.20
CA VAL A 318 -10.44 -32.14 12.87
C VAL A 318 -11.29 -31.66 14.05
N ASP A 319 -11.87 -32.60 14.82
CA ASP A 319 -12.66 -32.20 15.98
C ASP A 319 -11.79 -31.50 17.02
N ASP A 320 -10.59 -32.05 17.27
CA ASP A 320 -9.66 -31.39 18.18
C ASP A 320 -9.26 -30.02 17.65
N ALA A 321 -9.00 -29.90 16.34
CA ALA A 321 -8.69 -28.61 15.76
C ALA A 321 -9.86 -27.64 15.93
N ALA A 322 -11.08 -28.11 15.64
CA ALA A 322 -12.26 -27.27 15.76
C ALA A 322 -12.43 -26.73 17.17
N LYS A 323 -12.16 -27.58 18.18
CA LYS A 323 -12.29 -27.14 19.56
C LYS A 323 -11.30 -26.03 19.88
N VAL A 324 -10.10 -26.09 19.33
CA VAL A 324 -9.11 -25.04 19.58
C VAL A 324 -9.53 -23.74 18.89
N PHE A 325 -9.99 -23.82 17.64
CA PHE A 325 -10.47 -22.62 16.95
C PHE A 325 -11.64 -22.00 17.69
N GLU A 326 -12.51 -22.82 18.24
CA GLU A 326 -13.68 -22.30 18.95
C GLU A 326 -13.26 -21.49 20.18
N LYS A 327 -12.24 -21.96 20.90
CA LYS A 327 -11.72 -21.22 22.06
C LYS A 327 -11.00 -19.94 21.64
N LEU A 328 -10.23 -19.99 20.54
CA LEU A 328 -9.66 -18.76 20.01
C LEU A 328 -10.74 -17.75 19.69
N SER A 329 -11.85 -18.21 19.11
CA SER A 329 -12.93 -17.32 18.69
C SER A 329 -13.67 -16.71 19.88
N SER A 330 -14.01 -17.52 20.87
CA SER A 330 -14.87 -17.04 21.94
C SER A 330 -14.11 -16.61 23.20
N GLU A 331 -12.87 -17.03 23.40
CA GLU A 331 -12.20 -16.62 24.64
C GLU A 331 -10.87 -15.91 24.44
N TYR A 332 -9.96 -16.48 23.64
CA TYR A 332 -8.56 -16.09 23.74
C TYR A 332 -8.10 -15.06 22.72
N ASP A 333 -8.78 -14.95 21.57
CA ASP A 333 -8.40 -13.97 20.54
C ASP A 333 -9.65 -13.33 19.92
N GLN A 334 -10.52 -12.78 20.79
CA GLN A 334 -11.87 -12.41 20.40
C GLN A 334 -11.94 -11.30 19.37
N MET A 335 -10.90 -10.47 19.22
CA MET A 335 -10.91 -9.51 18.13
C MET A 335 -11.08 -10.20 16.78
N ARG A 336 -10.57 -11.43 16.64
CA ARG A 336 -10.69 -12.22 15.41
C ARG A 336 -11.75 -13.31 15.53
N ALA A 337 -12.82 -13.06 16.29
CA ALA A 337 -13.83 -14.09 16.54
C ALA A 337 -14.39 -14.67 15.24
N GLY A 338 -14.63 -13.83 14.23
CA GLY A 338 -15.22 -14.31 12.99
C GLY A 338 -14.24 -15.13 12.16
N TYR A 339 -12.99 -14.68 12.06
CA TYR A 339 -11.98 -15.47 11.37
C TYR A 339 -11.81 -16.85 12.02
N TRP A 340 -11.68 -16.88 13.35
CA TRP A 340 -11.48 -18.18 14.01
C TRP A 340 -12.73 -19.05 13.92
N GLU A 341 -13.92 -18.45 13.86
CA GLU A 341 -15.12 -19.22 13.60
C GLU A 341 -15.13 -19.78 12.19
N PHE A 342 -14.67 -18.99 11.22
CA PHE A 342 -14.54 -19.48 9.85
C PHE A 342 -13.62 -20.70 9.79
N ARG A 343 -12.47 -20.62 10.45
CA ARG A 343 -11.57 -21.77 10.52
C ARG A 343 -12.23 -22.95 11.22
N ARG A 344 -12.98 -22.69 12.30
CA ARG A 344 -13.71 -23.76 12.97
C ARG A 344 -14.65 -24.47 12.01
N ARG A 345 -15.42 -23.71 11.23
CA ARG A 345 -16.40 -24.30 10.33
C ARG A 345 -15.75 -25.09 9.21
N GLU A 346 -14.57 -24.66 8.76
CA GLU A 346 -13.85 -25.41 7.73
C GLU A 346 -13.47 -26.81 8.19
N CYS A 347 -13.36 -27.03 9.51
CA CYS A 347 -13.03 -28.35 10.00
C CYS A 347 -14.13 -29.37 9.75
N ALA A 348 -15.36 -28.92 9.49
CA ALA A 348 -16.48 -29.82 9.22
C ALA A 348 -16.75 -29.94 7.74
N ALA B 2 -26.14 -10.10 13.69
CA ALA B 2 -25.11 -9.86 12.69
C ALA B 2 -23.78 -9.48 13.34
N THR B 3 -23.83 -9.19 14.65
CA THR B 3 -22.67 -8.76 15.41
C THR B 3 -22.17 -9.84 16.38
N GLU B 4 -22.65 -11.08 16.21
CA GLU B 4 -22.27 -12.17 17.09
C GLU B 4 -20.76 -12.36 17.15
N PHE B 5 -20.08 -12.19 16.02
CA PHE B 5 -18.65 -12.42 15.94
C PHE B 5 -17.88 -11.12 15.74
N THR B 6 -18.51 -9.97 16.00
CA THR B 6 -17.87 -8.66 15.92
C THR B 6 -18.07 -7.93 17.25
N PRO B 7 -17.38 -8.33 18.31
CA PRO B 7 -17.61 -7.71 19.62
C PRO B 7 -17.13 -6.27 19.65
N SER B 8 -17.89 -5.43 20.34
CA SER B 8 -17.45 -4.06 20.58
C SER B 8 -16.19 -4.04 21.45
N VAL B 9 -15.33 -3.06 21.16
CA VAL B 9 -14.14 -2.83 21.97
C VAL B 9 -14.50 -2.54 23.43
N TYR B 10 -15.64 -1.88 23.66
CA TYR B 10 -16.07 -1.60 25.04
C TYR B 10 -16.55 -2.84 25.78
N SER B 11 -16.81 -3.95 25.09
CA SER B 11 -17.27 -5.18 25.75
C SER B 11 -16.13 -6.16 26.02
N LEU B 12 -14.91 -5.86 25.58
CA LEU B 12 -13.77 -6.73 25.76
C LEU B 12 -12.84 -6.16 26.83
N VAL B 13 -12.11 -7.06 27.50
CA VAL B 13 -11.11 -6.63 28.48
C VAL B 13 -9.92 -6.05 27.75
N SER B 14 -9.56 -4.81 28.08
CA SER B 14 -8.42 -4.12 27.48
C SER B 14 -7.17 -4.42 28.30
N LYS B 15 -6.13 -4.93 27.65
CA LYS B 15 -4.89 -5.22 28.35
C LYS B 15 -3.71 -4.97 27.42
N PRO B 16 -2.58 -4.54 27.96
CA PRO B 16 -1.43 -4.18 27.11
C PRO B 16 -0.77 -5.41 26.51
N LEU B 17 -0.05 -5.18 25.40
CA LEU B 17 0.84 -6.20 24.87
C LEU B 17 1.82 -6.60 25.97
N PRO B 18 1.91 -7.87 26.32
CA PRO B 18 2.85 -8.28 27.39
C PRO B 18 4.30 -8.07 26.98
N SER B 19 5.14 -7.86 27.99
CA SER B 19 6.55 -7.56 27.77
C SER B 19 7.44 -8.80 27.80
N ASN B 20 6.99 -9.89 28.42
CA ASN B 20 7.84 -11.06 28.64
C ASN B 20 9.13 -10.69 29.38
N SER B 21 9.10 -9.59 30.14
CA SER B 21 10.29 -9.08 30.86
C SER B 21 11.42 -8.72 29.91
N ARG B 22 11.10 -8.30 28.69
CA ARG B 22 12.07 -8.09 27.62
C ARG B 22 11.80 -6.75 26.96
N PRO B 23 12.27 -5.65 27.55
CA PRO B 23 11.97 -4.34 26.97
C PRO B 23 12.69 -4.11 25.65
N SER B 24 12.07 -3.28 24.79
CA SER B 24 12.69 -2.86 23.55
C SER B 24 12.02 -1.58 23.07
N ALA B 25 12.65 -0.94 22.08
CA ALA B 25 12.12 0.32 21.55
C ALA B 25 10.72 0.13 20.97
N THR B 26 10.49 -0.97 20.25
CA THR B 26 9.16 -1.29 19.73
C THR B 26 8.11 -1.29 20.84
N LEU B 27 8.44 -1.91 21.97
CA LEU B 27 7.47 -2.03 23.06
C LEU B 27 7.25 -0.68 23.75
N ASP B 28 8.29 0.14 23.87
CA ASP B 28 8.11 1.49 24.40
C ASP B 28 7.07 2.26 23.58
N GLU B 29 7.17 2.22 22.26
CA GLU B 29 6.22 2.98 21.45
C GLU B 29 4.84 2.36 21.50
N GLN B 30 4.76 1.03 21.48
CA GLN B 30 3.48 0.36 21.55
C GLN B 30 2.74 0.70 22.84
N ALA B 31 3.46 0.70 23.98
CA ALA B 31 2.82 0.96 25.25
C ALA B 31 2.34 2.41 25.35
N GLU B 32 3.12 3.34 24.81
CA GLU B 32 2.71 4.74 24.80
C GLU B 32 1.46 4.95 23.93
N THR B 33 1.40 4.26 22.80
CA THR B 33 0.23 4.38 21.92
C THR B 33 -1.00 3.73 22.54
N GLU B 34 -0.83 2.59 23.21
CA GLU B 34 -1.93 1.96 23.94
C GLU B 34 -2.51 2.91 24.98
N ASP B 35 -1.65 3.64 25.68
CA ASP B 35 -2.13 4.60 26.67
C ASP B 35 -2.94 5.72 26.01
N LEU B 36 -2.43 6.27 24.89
CA LEU B 36 -3.15 7.35 24.19
C LEU B 36 -4.54 6.92 23.75
N ILE B 37 -4.62 5.78 23.05
CA ILE B 37 -5.89 5.36 22.46
C ILE B 37 -6.87 4.94 23.55
N SER B 38 -6.42 4.13 24.51
CA SER B 38 -7.33 3.67 25.55
C SER B 38 -7.86 4.81 26.42
N GLN B 39 -7.04 5.84 26.66
CA GLN B 39 -7.52 6.99 27.43
C GLN B 39 -8.62 7.73 26.67
N LEU B 40 -8.49 7.85 25.36
CA LEU B 40 -9.51 8.56 24.59
C LEU B 40 -10.82 7.77 24.54
N PHE B 41 -10.73 6.44 24.43
CA PHE B 41 -11.92 5.59 24.55
C PHE B 41 -12.57 5.73 25.92
N ASP B 42 -11.76 5.92 26.96
CA ASP B 42 -12.29 6.07 28.31
C ASP B 42 -13.06 7.37 28.48
N LEU B 43 -12.66 8.43 27.77
CA LEU B 43 -13.36 9.71 27.83
C LEU B 43 -14.58 9.77 26.91
N THR B 44 -14.83 8.72 26.12
CA THR B 44 -15.84 8.76 25.08
C THR B 44 -16.98 7.80 25.42
N ALA B 45 -18.22 8.27 25.30
CA ALA B 45 -19.37 7.39 25.50
C ALA B 45 -19.37 6.27 24.48
N ASP B 46 -19.69 5.07 24.94
CA ASP B 46 -19.82 3.90 24.07
C ASP B 46 -20.80 4.20 22.93
N PRO B 47 -20.36 4.13 21.67
CA PRO B 47 -21.27 4.43 20.53
C PRO B 47 -22.50 3.55 20.50
N ASN B 48 -22.40 2.33 21.03
CA ASN B 48 -23.49 1.38 21.00
C ASN B 48 -24.54 1.61 22.09
N ALA B 49 -24.53 2.75 22.77
CA ALA B 49 -25.56 2.99 23.83
C ALA B 49 -26.78 3.73 23.28
N LEU B 50 -27.97 3.42 23.80
CA LEU B 50 -29.26 4.01 23.37
C LEU B 50 -29.36 5.48 23.75
N VAL B 51 -28.84 5.86 24.93
CA VAL B 51 -28.77 7.30 25.32
C VAL B 51 -27.33 7.56 25.76
N SER B 52 -26.68 8.60 25.22
CA SER B 52 -25.26 8.84 25.47
C SER B 52 -25.01 9.24 26.91
N GLU B 53 -23.87 8.80 27.44
CA GLU B 53 -23.54 9.00 28.85
C GLU B 53 -23.22 10.46 29.14
N HIS B 54 -23.61 10.92 30.34
CA HIS B 54 -23.38 12.29 30.75
C HIS B 54 -21.93 12.49 31.17
N GLY B 55 -21.35 13.62 30.77
CA GLY B 55 -19.97 13.92 31.05
C GLY B 55 -18.95 13.38 30.06
N LYS B 56 -19.35 12.53 29.12
CA LYS B 56 -18.40 11.91 28.20
C LYS B 56 -18.62 12.38 26.77
N ARG B 57 -17.55 12.33 25.97
CA ARG B 57 -17.61 12.85 24.61
C ARG B 57 -18.55 12.01 23.74
N TYR B 58 -19.29 12.68 22.86
CA TYR B 58 -20.15 11.99 21.91
C TYR B 58 -19.36 11.66 20.65
N SER B 59 -19.47 10.40 20.19
CA SER B 59 -18.61 9.89 19.12
C SER B 59 -19.23 9.96 17.73
N GLY B 60 -20.43 10.51 17.59
CA GLY B 60 -21.05 10.58 16.27
C GLY B 60 -20.15 11.18 15.21
N LEU B 61 -20.28 10.68 13.98
CA LEU B 61 -19.44 11.14 12.87
C LEU B 61 -19.75 12.60 12.58
N ARG B 62 -18.73 13.47 12.69
CA ARG B 62 -18.97 14.92 12.60
C ARG B 62 -18.82 15.37 11.15
N LYS B 63 -19.83 14.97 10.36
CA LYS B 63 -19.74 15.08 8.90
C LYS B 63 -19.58 16.51 8.43
N GLN B 64 -20.24 17.46 9.11
CA GLN B 64 -20.14 18.85 8.68
C GLN B 64 -18.77 19.44 9.00
N GLU B 65 -18.19 19.06 10.14
CA GLU B 65 -16.81 19.45 10.41
C GLU B 65 -15.87 18.91 9.34
N HIS B 66 -16.03 17.65 8.96
CA HIS B 66 -15.14 17.07 7.95
C HIS B 66 -15.34 17.72 6.59
N THR B 67 -16.59 18.11 6.26
CA THR B 67 -16.83 18.82 5.02
C THR B 67 -16.12 20.18 5.00
N GLN B 68 -16.23 20.92 6.11
CA GLN B 68 -15.55 22.20 6.21
C GLN B 68 -14.03 22.03 6.13
N PHE B 69 -13.49 20.96 6.74
CA PHE B 69 -12.05 20.68 6.65
C PHE B 69 -11.62 20.55 5.20
N LEU B 70 -12.39 19.82 4.40
CA LEU B 70 -12.01 19.60 3.00
C LEU B 70 -12.21 20.84 2.14
N ALA B 71 -13.05 21.80 2.58
CA ALA B 71 -13.41 22.93 1.72
C ALA B 71 -12.20 23.78 1.31
N SER B 72 -11.11 23.76 2.08
CA SER B 72 -9.93 24.53 1.69
C SER B 72 -9.43 24.19 0.29
N SER B 73 -9.60 22.93 -0.14
CA SER B 73 -9.16 22.51 -1.47
C SER B 73 -9.71 23.40 -2.58
N PHE B 74 -10.92 23.94 -2.42
CA PHE B 74 -11.53 24.72 -3.48
C PHE B 74 -11.31 26.22 -3.32
N PHE B 75 -10.49 26.62 -2.35
CA PHE B 75 -9.98 27.98 -2.31
C PHE B 75 -8.46 28.03 -2.43
N GLN B 76 -7.72 27.48 -1.47
CA GLN B 76 -6.26 27.55 -1.48
C GLN B 76 -5.67 26.78 -0.31
N LEU B 77 -4.44 26.32 -0.47
CA LEU B 77 -3.71 25.60 0.55
C LEU B 77 -2.51 26.42 1.01
N PRO B 78 -2.19 26.39 2.31
CA PRO B 78 -1.04 27.16 2.81
C PRO B 78 0.27 26.72 2.17
N GLY B 79 1.30 27.52 2.43
CA GLY B 79 2.58 27.36 1.77
C GLY B 79 3.33 26.09 2.11
N LYS B 80 3.05 25.49 3.26
CA LYS B 80 3.73 24.25 3.60
C LYS B 80 3.16 23.04 2.86
N PHE B 81 2.08 23.21 2.09
CA PHE B 81 1.64 22.18 1.15
C PHE B 81 2.63 21.96 -0.01
N VAL B 82 3.71 22.74 -0.10
CA VAL B 82 4.59 22.63 -1.27
C VAL B 82 5.14 21.21 -1.40
N SER B 83 5.27 20.48 -0.28
CA SER B 83 5.75 19.11 -0.34
C SER B 83 4.81 18.21 -1.13
N LEU B 84 3.56 18.62 -1.33
CA LEU B 84 2.60 17.90 -2.15
C LEU B 84 2.38 18.55 -3.50
N ASP B 85 3.27 19.46 -3.91
CA ASP B 85 3.11 20.13 -5.20
C ASP B 85 3.14 19.15 -6.36
N ALA B 86 3.79 18.00 -6.19
CA ALA B 86 3.82 16.98 -7.24
C ALA B 86 2.75 15.92 -7.03
N SER B 87 1.78 16.20 -6.17
CA SER B 87 0.70 15.25 -5.86
C SER B 87 -0.66 15.93 -5.93
N ARG B 88 -0.79 17.03 -6.67
CA ARG B 88 -2.05 17.77 -6.64
C ARG B 88 -3.25 16.94 -7.11
N PRO B 89 -3.15 16.04 -8.10
CA PRO B 89 -4.29 15.15 -8.38
C PRO B 89 -4.73 14.31 -7.19
N TRP B 90 -3.81 13.95 -6.27
CA TRP B 90 -4.20 13.23 -5.06
C TRP B 90 -4.99 14.13 -4.12
N LEU B 91 -4.60 15.41 -4.03
CA LEU B 91 -5.39 16.34 -3.23
C LEU B 91 -6.81 16.45 -3.78
N VAL B 92 -6.95 16.43 -5.11
CA VAL B 92 -8.29 16.44 -5.71
C VAL B 92 -9.03 15.17 -5.33
N PHE B 93 -8.40 14.01 -5.54
CA PHE B 93 -9.08 12.74 -5.32
C PHE B 93 -9.49 12.58 -3.86
N TRP B 94 -8.57 12.85 -2.93
CA TRP B 94 -8.89 12.71 -1.51
C TRP B 94 -10.07 13.60 -1.14
N THR B 95 -10.13 14.79 -1.73
CA THR B 95 -11.23 15.71 -1.46
C THR B 95 -12.52 15.22 -2.08
N VAL B 96 -12.53 14.94 -3.40
CA VAL B 96 -13.82 14.70 -4.05
C VAL B 96 -14.37 13.31 -3.75
N HIS B 97 -13.50 12.32 -3.45
CA HIS B 97 -14.01 11.02 -3.04
C HIS B 97 -14.56 11.08 -1.62
N SER B 98 -13.87 11.81 -0.73
CA SER B 98 -14.38 11.98 0.62
C SER B 98 -15.74 12.66 0.61
N LEU B 99 -15.92 13.66 -0.23
CA LEU B 99 -17.21 14.35 -0.31
C LEU B 99 -18.31 13.41 -0.80
N ASP B 100 -18.00 12.59 -1.81
CA ASP B 100 -18.91 11.53 -2.25
C ASP B 100 -19.31 10.62 -1.08
N LEU B 101 -18.32 10.14 -0.33
CA LEU B 101 -18.59 9.26 0.82
C LEU B 101 -19.48 9.99 1.84
N LEU B 102 -19.19 11.26 2.09
CA LEU B 102 -19.94 12.04 3.05
C LEU B 102 -21.31 12.47 2.53
N GLY B 103 -21.60 12.23 1.25
CA GLY B 103 -22.89 12.56 0.68
C GLY B 103 -23.10 14.03 0.36
N VAL B 104 -22.02 14.76 0.09
CA VAL B 104 -22.04 16.20 -0.17
C VAL B 104 -21.84 16.44 -1.65
N ALA B 105 -22.80 17.09 -2.29
CA ALA B 105 -22.72 17.37 -3.72
C ALA B 105 -21.93 18.65 -3.99
N LEU B 106 -21.10 18.61 -5.02
CA LEU B 106 -20.51 19.83 -5.58
C LEU B 106 -21.44 20.42 -6.62
N ASP B 107 -21.49 21.76 -6.70
CA ASP B 107 -22.26 22.36 -7.79
C ASP B 107 -21.50 22.23 -9.11
N GLN B 108 -22.21 22.46 -10.21
CA GLN B 108 -21.65 22.17 -11.53
C GLN B 108 -20.44 23.05 -11.83
N GLY B 109 -20.51 24.32 -11.43
CA GLY B 109 -19.36 25.21 -11.65
C GLY B 109 -18.09 24.71 -10.99
N THR B 110 -18.21 24.21 -9.76
CA THR B 110 -17.05 23.66 -9.07
C THR B 110 -16.57 22.36 -9.72
N LYS B 111 -17.48 21.48 -10.13
CA LYS B 111 -17.09 20.29 -10.87
C LYS B 111 -16.36 20.66 -12.15
N ASP B 112 -16.83 21.70 -12.85
CA ASP B 112 -16.20 22.12 -14.09
C ASP B 112 -14.78 22.62 -13.85
N ARG B 113 -14.56 23.31 -12.72
CA ARG B 113 -13.20 23.72 -12.36
C ARG B 113 -12.31 22.51 -12.06
N VAL B 114 -12.86 21.49 -11.41
CA VAL B 114 -12.09 20.27 -11.15
C VAL B 114 -11.65 19.64 -12.46
N VAL B 115 -12.60 19.44 -13.38
CA VAL B 115 -12.30 18.85 -14.68
C VAL B 115 -11.24 19.65 -15.40
N SER B 116 -11.45 20.98 -15.47
CA SER B 116 -10.53 21.83 -16.22
C SER B 116 -9.13 21.79 -15.63
N THR B 117 -9.02 21.84 -14.30
CA THR B 117 -7.71 21.79 -13.66
C THR B 117 -6.98 20.49 -14.04
N LEU B 118 -7.69 19.35 -13.95
CA LEU B 118 -7.07 18.06 -14.22
C LEU B 118 -6.64 17.93 -15.68
N LEU B 119 -7.44 18.47 -16.60
CA LEU B 119 -7.06 18.38 -18.01
C LEU B 119 -5.81 19.20 -18.31
N HIS B 120 -5.49 20.21 -17.50
CA HIS B 120 -4.22 20.90 -17.67
C HIS B 120 -3.03 20.05 -17.22
N PHE B 121 -3.26 18.96 -16.48
CA PHE B 121 -2.19 18.07 -16.06
C PHE B 121 -1.95 16.94 -17.07
N LEU B 122 -2.74 16.89 -18.13
CA LEU B 122 -2.69 15.80 -19.09
C LEU B 122 -1.69 16.12 -20.19
N SER B 123 -0.71 15.21 -20.39
CA SER B 123 0.18 15.65 -21.45
C SER B 123 -0.18 14.98 -22.78
N PRO B 124 0.02 15.68 -23.90
CA PRO B 124 -0.32 15.09 -25.21
C PRO B 124 0.41 13.79 -25.54
N LYS B 125 1.62 13.58 -25.01
CA LYS B 125 2.31 12.31 -25.27
C LYS B 125 1.78 11.15 -24.44
N GLY B 126 0.93 11.43 -23.44
CA GLY B 126 0.28 10.36 -22.68
C GLY B 126 0.45 10.44 -21.18
N GLY B 127 -0.66 10.42 -20.45
CA GLY B 127 -0.65 10.35 -19.00
C GLY B 127 -0.74 11.72 -18.34
N PHE B 128 -1.14 11.71 -17.06
CA PHE B 128 -1.23 12.89 -16.22
C PHE B 128 0.01 12.99 -15.34
N GLY B 129 0.48 14.22 -15.12
CA GLY B 129 1.48 14.48 -14.10
C GLY B 129 0.87 14.95 -12.78
N GLY B 130 1.75 15.21 -11.81
CA GLY B 130 1.28 15.70 -10.52
C GLY B 130 0.93 17.16 -10.50
N GLY B 131 0.99 17.81 -11.66
CA GLY B 131 0.73 19.21 -11.79
C GLY B 131 0.65 19.52 -13.28
N PRO B 132 0.62 20.80 -13.63
CA PRO B 132 0.50 21.21 -15.03
C PRO B 132 1.50 20.50 -15.95
N ALA B 133 1.01 20.14 -17.14
CA ALA B 133 1.85 19.44 -18.12
C ALA B 133 3.02 20.29 -18.63
N ASN B 134 2.96 21.62 -18.47
CA ASN B 134 4.12 22.40 -18.82
C ASN B 134 5.15 22.45 -17.68
N SER B 135 4.90 21.73 -16.59
CA SER B 135 5.76 21.75 -15.41
C SER B 135 6.17 20.36 -14.93
N GLN B 136 5.36 19.33 -15.17
CA GLN B 136 5.63 18.00 -14.62
C GLN B 136 5.43 16.95 -15.69
N ILE B 137 6.26 15.90 -15.68
CA ILE B 137 6.15 14.79 -16.62
C ILE B 137 5.07 13.82 -16.12
N PRO B 138 4.49 12.99 -17.00
CA PRO B 138 3.45 12.05 -16.54
C PRO B 138 3.98 11.00 -15.57
N HIS B 139 3.06 10.50 -14.74
CA HIS B 139 3.39 9.60 -13.64
C HIS B 139 2.19 8.68 -13.44
N LEU B 140 2.45 7.39 -13.21
CA LEU B 140 1.36 6.43 -13.08
C LEU B 140 0.41 6.78 -11.93
N LEU B 141 0.93 7.35 -10.85
CA LEU B 141 0.06 7.54 -9.68
C LEU B 141 -0.88 8.73 -9.85
N PRO B 142 -0.39 9.92 -10.25
CA PRO B 142 -1.34 10.99 -10.66
C PRO B 142 -2.27 10.60 -11.79
N THR B 143 -1.86 9.64 -12.63
CA THR B 143 -2.76 9.20 -13.70
C THR B 143 -3.98 8.48 -13.12
N TYR B 144 -3.78 7.56 -12.16
CA TYR B 144 -4.92 6.98 -11.44
C TYR B 144 -5.73 8.05 -10.72
N ALA B 145 -5.07 8.93 -9.97
CA ALA B 145 -5.84 9.91 -9.18
C ALA B 145 -6.64 10.84 -10.08
N SER B 146 -6.07 11.25 -11.22
CA SER B 146 -6.79 12.14 -12.13
C SER B 146 -7.97 11.42 -12.79
N VAL B 147 -7.75 10.18 -13.22
CA VAL B 147 -8.80 9.40 -13.89
C VAL B 147 -9.97 9.16 -12.95
N CYS B 148 -9.69 8.76 -11.70
CA CYS B 148 -10.78 8.53 -10.73
C CYS B 148 -11.48 9.84 -10.37
N SER B 149 -10.72 10.94 -10.26
CA SER B 149 -11.33 12.24 -9.97
C SER B 149 -12.27 12.67 -11.10
N LEU B 150 -11.89 12.40 -12.34
CA LEU B 150 -12.76 12.70 -13.48
C LEU B 150 -14.00 11.81 -13.46
N ALA B 151 -13.86 10.56 -13.00
CA ALA B 151 -15.04 9.72 -12.80
C ALA B 151 -15.99 10.34 -11.77
N ILE B 152 -15.44 10.96 -10.74
CA ILE B 152 -16.28 11.52 -9.67
C ILE B 152 -16.89 12.87 -10.07
N ALA B 153 -16.12 13.72 -10.76
CA ALA B 153 -16.54 15.10 -11.01
C ALA B 153 -16.91 15.39 -12.46
N GLY B 154 -16.64 14.49 -13.40
CA GLY B 154 -16.87 14.75 -14.81
C GLY B 154 -18.19 14.18 -15.32
N ASN B 155 -18.35 14.23 -16.64
CA ASN B 155 -19.59 13.81 -17.27
C ASN B 155 -19.36 13.62 -18.76
N ASP B 156 -20.41 13.18 -19.46
CA ASP B 156 -20.27 12.77 -20.85
C ASP B 156 -20.49 13.91 -21.86
N SER B 157 -20.68 15.15 -21.39
CA SER B 157 -20.90 16.28 -22.27
C SER B 157 -19.59 16.76 -22.87
N SER B 158 -19.64 17.88 -23.60
CA SER B 158 -18.46 18.44 -24.24
C SER B 158 -17.53 19.15 -23.26
N THR B 159 -18.00 19.54 -22.08
CA THR B 159 -17.13 20.10 -21.06
C THR B 159 -16.88 19.15 -19.89
N GLY B 160 -17.25 17.88 -20.02
CA GLY B 160 -17.20 16.95 -18.91
C GLY B 160 -15.91 16.19 -18.72
N GLY B 161 -14.95 16.33 -19.64
CA GLY B 161 -13.64 15.71 -19.51
C GLY B 161 -13.55 14.26 -19.98
N TRP B 162 -14.65 13.51 -19.92
CA TRP B 162 -14.58 12.11 -20.34
C TRP B 162 -14.27 12.01 -21.83
N LYS B 163 -14.83 12.92 -22.63
CA LYS B 163 -14.50 12.98 -24.06
C LYS B 163 -13.01 13.18 -24.29
N ASP B 164 -12.35 14.01 -23.47
CA ASP B 164 -10.90 14.20 -23.63
C ASP B 164 -10.14 12.94 -23.24
N LEU B 165 -10.58 12.26 -22.19
CA LEU B 165 -9.94 11.00 -21.79
C LEU B 165 -10.03 9.98 -22.91
N ALA B 166 -11.23 9.86 -23.52
CA ALA B 166 -11.43 8.92 -24.62
C ALA B 166 -10.45 9.20 -25.75
N ALA B 167 -10.29 10.47 -26.14
CA ALA B 167 -9.36 10.83 -27.19
C ALA B 167 -7.91 10.55 -26.81
N ALA B 168 -7.60 10.47 -25.52
CA ALA B 168 -6.23 10.24 -25.07
C ALA B 168 -5.89 8.77 -24.89
N ARG B 169 -6.80 7.85 -25.23
CA ARG B 169 -6.58 6.44 -24.89
C ARG B 169 -5.29 5.90 -25.50
N GLN B 170 -5.04 6.19 -26.78
CA GLN B 170 -3.86 5.64 -27.44
C GLN B 170 -2.57 6.19 -26.83
N SER B 171 -2.55 7.50 -26.53
CA SER B 171 -1.33 8.08 -25.95
C SER B 171 -1.10 7.58 -24.53
N ILE B 172 -2.16 7.43 -23.72
CA ILE B 172 -2.01 6.85 -22.38
C ILE B 172 -1.48 5.43 -22.47
N TYR B 173 -2.03 4.64 -23.39
CA TYR B 173 -1.53 3.29 -23.62
C TYR B 173 -0.04 3.31 -23.96
N GLU B 174 0.37 4.23 -24.84
CA GLU B 174 1.77 4.32 -25.22
C GLU B 174 2.66 4.72 -24.05
N PHE B 175 2.16 5.61 -23.19
CA PHE B 175 2.88 5.92 -21.95
C PHE B 175 3.04 4.67 -21.09
N PHE B 176 1.95 3.92 -20.89
CA PHE B 176 2.00 2.67 -20.13
C PHE B 176 3.05 1.70 -20.70
N MET B 177 3.11 1.56 -22.03
CA MET B 177 4.07 0.63 -22.62
C MET B 177 5.51 1.15 -22.52
N ARG B 178 5.71 2.48 -22.53
CA ARG B 178 7.03 3.03 -22.26
C ARG B 178 7.48 2.74 -20.83
N CYS B 179 6.54 2.69 -19.89
CA CYS B 179 6.86 2.37 -18.50
C CYS B 179 7.17 0.89 -18.27
N LYS B 180 6.78 0.01 -19.18
CA LYS B 180 6.82 -1.42 -18.93
C LYS B 180 8.24 -1.97 -18.97
N ARG B 181 8.58 -2.84 -17.97
CA ARG B 181 9.82 -3.62 -17.92
C ARG B 181 9.58 -5.07 -18.36
N PRO B 182 10.61 -5.69 -18.93
CA PRO B 182 10.47 -7.09 -19.39
C PRO B 182 10.05 -8.06 -18.30
N ASP B 183 10.44 -7.82 -17.05
CA ASP B 183 10.11 -8.74 -15.97
C ASP B 183 8.68 -8.59 -15.46
N GLY B 184 7.90 -7.62 -15.94
CA GLY B 184 6.52 -7.43 -15.51
C GLY B 184 6.30 -6.26 -14.59
N GLY B 185 7.37 -5.59 -14.14
CA GLY B 185 7.20 -4.35 -13.44
C GLY B 185 7.02 -3.17 -14.39
N PHE B 186 6.62 -2.05 -13.81
CA PHE B 186 6.53 -0.76 -14.48
C PHE B 186 7.28 0.29 -13.68
N VAL B 187 8.01 1.18 -14.35
CA VAL B 187 8.48 2.39 -13.70
C VAL B 187 7.29 3.34 -13.54
N VAL B 188 7.28 4.12 -12.44
CA VAL B 188 6.14 5.02 -12.24
C VAL B 188 6.19 6.22 -13.16
N CYS B 189 7.38 6.58 -13.65
CA CYS B 189 7.58 7.69 -14.58
C CYS B 189 8.94 7.46 -15.23
N GLU B 190 9.26 8.30 -16.21
CA GLU B 190 10.57 8.19 -16.83
C GLU B 190 11.65 8.30 -15.76
N GLY B 191 12.53 7.31 -15.71
CA GLY B 191 13.56 7.22 -14.69
C GLY B 191 13.07 7.02 -13.27
N GLY B 192 11.84 6.55 -13.07
CA GLY B 192 11.26 6.44 -11.74
C GLY B 192 11.33 5.03 -11.16
N GLU B 193 10.84 4.91 -9.92
CA GLU B 193 10.96 3.64 -9.20
C GLU B 193 9.92 2.62 -9.69
N VAL B 194 10.19 1.35 -9.35
CA VAL B 194 9.38 0.21 -9.78
C VAL B 194 8.75 -0.45 -8.56
N ASP B 195 7.43 -0.40 -8.44
CA ASP B 195 6.79 -1.13 -7.34
C ASP B 195 5.31 -1.36 -7.64
N VAL B 196 4.63 -2.09 -6.74
CA VAL B 196 3.26 -2.49 -7.03
C VAL B 196 2.26 -1.35 -6.96
N ARG B 197 2.64 -0.18 -6.42
CA ARG B 197 1.75 1.00 -6.53
C ARG B 197 1.53 1.36 -7.99
N GLY B 198 2.62 1.33 -8.78
CA GLY B 198 2.51 1.61 -10.20
C GLY B 198 1.68 0.58 -10.94
N THR B 199 1.88 -0.70 -10.62
CA THR B 199 1.08 -1.75 -11.25
C THR B 199 -0.40 -1.56 -10.94
N TYR B 200 -0.74 -1.29 -9.68
CA TYR B 200 -2.14 -1.11 -9.31
C TYR B 200 -2.75 0.07 -10.07
N CYS B 201 -2.09 1.22 -10.03
CA CYS B 201 -2.66 2.42 -10.67
C CYS B 201 -2.84 2.22 -12.16
N LEU B 202 -1.87 1.56 -12.80
CA LEU B 202 -1.93 1.31 -14.23
C LEU B 202 -3.06 0.36 -14.58
N LEU B 203 -3.20 -0.74 -13.83
CA LEU B 203 -4.24 -1.74 -14.14
C LEU B 203 -5.64 -1.17 -13.94
N VAL B 204 -5.84 -0.36 -12.90
CA VAL B 204 -7.14 0.28 -12.72
C VAL B 204 -7.47 1.13 -13.95
N VAL B 205 -6.54 1.99 -14.35
CA VAL B 205 -6.82 2.88 -15.48
C VAL B 205 -7.02 2.09 -16.77
N ALA B 206 -6.16 1.10 -17.03
CA ALA B 206 -6.29 0.31 -18.26
C ALA B 206 -7.63 -0.44 -18.28
N THR B 207 -8.09 -0.92 -17.12
CA THR B 207 -9.39 -1.58 -17.04
C THR B 207 -10.53 -0.62 -17.35
N LEU B 208 -10.48 0.59 -16.77
CA LEU B 208 -11.57 1.54 -16.94
C LEU B 208 -11.65 2.09 -18.36
N LEU B 209 -10.51 2.26 -19.04
CA LEU B 209 -10.52 2.94 -20.33
C LEU B 209 -10.46 1.99 -21.52
N ASP B 210 -10.56 0.68 -21.30
CA ASP B 210 -10.55 -0.33 -22.38
C ASP B 210 -9.26 -0.22 -23.20
N ILE B 211 -8.13 -0.32 -22.52
CA ILE B 211 -6.85 -0.31 -23.24
C ILE B 211 -5.92 -1.45 -22.79
N ILE B 212 -6.48 -2.58 -22.38
CA ILE B 212 -5.69 -3.76 -22.00
C ILE B 212 -5.38 -4.59 -23.24
N THR B 213 -4.12 -4.98 -23.39
CA THR B 213 -3.64 -5.85 -24.46
C THR B 213 -2.76 -6.94 -23.88
N PRO B 214 -2.51 -8.02 -24.63
CA PRO B 214 -1.56 -9.03 -24.14
C PRO B 214 -0.15 -8.50 -23.91
N GLU B 215 0.37 -7.62 -24.77
CA GLU B 215 1.75 -7.14 -24.57
C GLU B 215 1.85 -6.28 -23.33
N LEU B 216 0.77 -5.58 -22.97
CA LEU B 216 0.76 -4.77 -21.76
C LEU B 216 0.89 -5.65 -20.51
N LEU B 217 0.27 -6.83 -20.54
CA LEU B 217 0.12 -7.65 -19.34
C LEU B 217 1.23 -8.69 -19.16
N HIS B 218 2.10 -8.86 -20.14
CA HIS B 218 3.05 -9.98 -20.07
C HIS B 218 3.97 -9.84 -18.86
N ASN B 219 4.05 -10.91 -18.07
CA ASN B 219 4.82 -11.05 -16.84
C ASN B 219 4.31 -10.20 -15.67
N VAL B 220 3.26 -9.41 -15.87
CA VAL B 220 2.76 -8.56 -14.79
C VAL B 220 2.27 -9.42 -13.63
N ASP B 221 1.62 -10.55 -13.93
CA ASP B 221 1.17 -11.47 -12.89
C ASP B 221 2.34 -12.06 -12.11
N LYS B 222 3.45 -12.36 -12.79
CA LYS B 222 4.58 -12.97 -12.09
C LYS B 222 5.26 -11.96 -11.17
N PHE B 223 5.43 -10.72 -11.63
CA PHE B 223 6.01 -9.68 -10.76
C PHE B 223 5.23 -9.56 -9.45
N VAL B 224 3.90 -9.48 -9.55
CA VAL B 224 3.06 -9.26 -8.37
C VAL B 224 3.09 -10.49 -7.46
N SER B 225 2.95 -11.68 -8.05
CA SER B 225 2.91 -12.88 -7.22
C SER B 225 4.20 -13.08 -6.43
N ALA B 226 5.34 -12.73 -7.01
CA ALA B 226 6.59 -12.89 -6.27
C ALA B 226 6.79 -11.82 -5.20
N CYS B 227 5.90 -10.84 -5.10
CA CYS B 227 5.98 -9.88 -4.00
C CYS B 227 5.47 -10.44 -2.69
N GLN B 228 4.77 -11.59 -2.70
CA GLN B 228 4.22 -12.15 -1.47
C GLN B 228 5.34 -12.68 -0.58
N THR B 229 5.29 -12.34 0.71
CA THR B 229 6.34 -12.73 1.64
C THR B 229 5.91 -13.93 2.47
N TYR B 230 6.84 -14.44 3.28
CA TYR B 230 6.56 -15.56 4.17
C TYR B 230 5.48 -15.22 5.21
N GLU B 231 5.25 -13.93 5.48
CA GLU B 231 4.16 -13.57 6.41
C GLU B 231 2.78 -13.65 5.76
N GLY B 232 2.69 -13.63 4.43
CA GLY B 232 1.43 -13.79 3.74
C GLY B 232 0.93 -12.51 3.06
N GLY B 233 1.33 -11.35 3.56
CA GLY B 233 1.13 -10.11 2.84
C GLY B 233 2.17 -9.92 1.74
N PHE B 234 2.18 -8.72 1.16
CA PHE B 234 3.01 -8.43 0.00
C PHE B 234 3.93 -7.24 0.25
N ALA B 235 5.14 -7.34 -0.32
CA ALA B 235 6.12 -6.27 -0.31
C ALA B 235 5.93 -5.34 -1.52
N CYS B 236 6.75 -4.28 -1.55
CA CYS B 236 6.65 -3.27 -2.60
C CYS B 236 7.03 -3.81 -3.98
N ALA B 237 7.92 -4.80 -4.05
CA ALA B 237 8.47 -5.19 -5.35
C ALA B 237 9.14 -6.55 -5.23
N SER B 238 9.41 -7.16 -6.37
CA SER B 238 10.22 -8.37 -6.42
C SER B 238 11.39 -8.16 -7.37
N PHE B 239 12.52 -8.86 -7.10
CA PHE B 239 13.74 -8.72 -7.89
C PHE B 239 13.89 -9.90 -8.82
N PRO B 240 14.06 -9.67 -10.13
CA PRO B 240 14.24 -10.79 -11.06
C PRO B 240 15.72 -11.17 -11.21
N PHE B 241 16.07 -12.39 -10.83
CA PHE B 241 17.46 -12.86 -11.00
C PHE B 241 17.53 -13.54 -12.36
N PRO B 242 18.51 -13.20 -13.22
CA PRO B 242 18.62 -13.79 -14.53
C PRO B 242 19.04 -15.27 -14.56
N SER B 243 18.89 -15.92 -15.70
CA SER B 243 19.27 -17.37 -15.86
C SER B 243 20.67 -17.68 -15.31
N GLU B 255 12.79 -16.62 -18.81
CA GLU B 255 13.22 -15.25 -18.60
C GLU B 255 14.02 -15.20 -17.25
N PRO B 256 13.59 -14.58 -16.13
CA PRO B 256 14.43 -14.71 -14.93
C PRO B 256 14.42 -16.12 -14.38
N SER B 257 15.54 -16.51 -13.78
CA SER B 257 15.62 -17.82 -13.12
C SER B 257 14.71 -17.88 -11.89
N CYS B 258 14.59 -16.77 -11.14
CA CYS B 258 13.66 -16.69 -10.01
C CYS B 258 13.45 -15.24 -9.62
N ARG B 259 12.40 -14.99 -8.83
CA ARG B 259 12.07 -13.66 -8.32
C ARG B 259 11.94 -13.71 -6.81
N VAL B 260 12.41 -12.66 -6.14
CA VAL B 260 12.48 -12.60 -4.69
C VAL B 260 11.88 -11.29 -4.21
N SER B 261 11.02 -11.35 -3.18
CA SER B 261 10.42 -10.15 -2.61
C SER B 261 11.48 -9.31 -1.88
N MET B 262 11.32 -7.99 -1.92
CA MET B 262 12.40 -7.09 -1.57
CA MET B 262 12.39 -7.07 -1.58
C MET B 262 12.22 -6.36 -0.24
N ALA B 263 11.17 -6.63 0.50
CA ALA B 263 10.99 -5.98 1.80
C ALA B 263 9.86 -6.70 2.52
N GLU B 264 9.41 -6.14 3.64
CA GLU B 264 8.43 -6.88 4.42
C GLU B 264 7.01 -6.65 3.89
N ALA B 265 6.12 -7.57 4.26
CA ALA B 265 4.71 -7.40 3.94
C ALA B 265 4.18 -6.11 4.54
N HIS B 266 3.44 -5.34 3.74
CA HIS B 266 2.98 -4.03 4.18
C HIS B 266 1.54 -3.81 3.71
N GLY B 267 0.73 -3.15 4.56
CA GLY B 267 -0.69 -3.00 4.24
C GLY B 267 -0.95 -2.28 2.93
N GLY B 268 -0.18 -1.23 2.64
CA GLY B 268 -0.39 -0.51 1.39
C GLY B 268 -0.02 -1.35 0.16
N TYR B 269 1.13 -2.03 0.23
CA TYR B 269 1.54 -2.85 -0.91
C TYR B 269 0.72 -4.13 -1.01
N THR B 270 0.18 -4.60 0.11
CA THR B 270 -0.69 -5.77 0.08
C THR B 270 -2.01 -5.43 -0.60
N SER B 271 -2.57 -4.27 -0.28
CA SER B 271 -3.76 -3.77 -0.99
C SER B 271 -3.49 -3.68 -2.49
N CYS B 272 -2.36 -3.05 -2.87
CA CYS B 272 -2.07 -2.87 -4.29
C CYS B 272 -1.88 -4.21 -5.00
N SER B 273 -1.22 -5.16 -4.33
CA SER B 273 -0.97 -6.49 -4.90
C SER B 273 -2.25 -7.29 -5.03
N LEU B 274 -3.07 -7.36 -3.95
CA LEU B 274 -4.33 -8.08 -4.03
C LEU B 274 -5.25 -7.48 -5.10
N ASN B 275 -5.33 -6.15 -5.14
CA ASN B 275 -6.20 -5.50 -6.13
C ASN B 275 -5.68 -5.75 -7.55
N SER B 276 -4.36 -5.62 -7.77
CA SER B 276 -3.80 -5.90 -9.09
C SER B 276 -4.09 -7.33 -9.51
N HIS B 277 -3.78 -8.30 -8.64
CA HIS B 277 -4.04 -9.70 -8.97
C HIS B 277 -5.53 -9.92 -9.27
N PHE B 278 -6.40 -9.28 -8.49
CA PHE B 278 -7.84 -9.44 -8.74
C PHE B 278 -8.24 -8.90 -10.10
N LEU B 279 -7.71 -7.73 -10.49
CA LEU B 279 -7.99 -7.23 -11.84
C LEU B 279 -7.48 -8.16 -12.93
N LEU B 280 -6.35 -8.84 -12.69
CA LEU B 280 -5.81 -9.75 -13.69
C LEU B 280 -6.64 -11.03 -13.84
N THR B 281 -7.33 -11.48 -12.79
CA THR B 281 -8.12 -12.70 -12.91
C THR B 281 -9.27 -12.54 -13.91
N SER B 282 -9.64 -11.32 -14.26
CA SER B 282 -10.69 -11.10 -15.27
C SER B 282 -10.19 -11.29 -16.70
N VAL B 283 -8.89 -11.36 -16.89
CA VAL B 283 -8.29 -11.31 -18.22
C VAL B 283 -8.20 -12.74 -18.77
N PRO B 284 -8.84 -13.05 -19.89
CA PRO B 284 -8.85 -14.44 -20.40
C PRO B 284 -7.62 -14.79 -21.22
N LEU B 285 -6.47 -14.87 -20.55
CA LEU B 285 -5.26 -15.40 -21.15
C LEU B 285 -4.96 -16.79 -20.60
N PRO B 286 -4.30 -17.65 -21.38
CA PRO B 286 -4.03 -19.02 -20.90
C PRO B 286 -3.02 -19.04 -19.76
N SER B 287 -3.34 -19.81 -18.71
CA SER B 287 -2.46 -19.98 -17.56
C SER B 287 -2.07 -18.65 -16.93
N PHE B 288 -3.05 -17.74 -16.84
CA PHE B 288 -2.83 -16.37 -16.41
C PHE B 288 -4.03 -15.98 -15.57
N PRO B 289 -3.84 -15.29 -14.44
CA PRO B 289 -2.58 -14.89 -13.82
C PRO B 289 -1.97 -15.99 -12.96
N LEU B 290 -0.63 -16.03 -12.84
CA LEU B 290 0.02 -16.91 -11.87
C LEU B 290 -0.61 -16.73 -10.49
N SER B 291 -0.82 -17.84 -9.79
CA SER B 291 -1.61 -17.76 -8.57
C SER B 291 -0.82 -17.11 -7.44
N ILE B 292 -1.55 -16.68 -6.41
CA ILE B 292 -0.99 -16.25 -5.13
C ILE B 292 -1.49 -17.20 -4.05
N ASP B 293 -0.95 -17.06 -2.84
CA ASP B 293 -1.41 -17.83 -1.68
C ASP B 293 -2.49 -16.99 -1.00
N ALA B 294 -3.75 -17.21 -1.41
CA ALA B 294 -4.84 -16.37 -0.91
C ALA B 294 -5.10 -16.61 0.57
N ASN B 295 -5.02 -17.86 1.02
CA ASN B 295 -5.21 -18.15 2.44
C ASN B 295 -4.20 -17.41 3.30
N ALA B 296 -2.92 -17.42 2.90
CA ALA B 296 -1.90 -16.72 3.69
C ALA B 296 -2.17 -15.21 3.69
N ALA B 297 -2.63 -14.66 2.57
CA ALA B 297 -2.92 -13.22 2.52
C ALA B 297 -4.11 -12.87 3.41
N LEU B 298 -5.13 -13.72 3.44
CA LEU B 298 -6.26 -13.46 4.33
C LEU B 298 -5.82 -13.53 5.79
N ARG B 299 -5.02 -14.53 6.13
CA ARG B 299 -4.48 -14.64 7.49
C ARG B 299 -3.70 -13.39 7.88
N TRP B 300 -2.80 -12.93 7.00
CA TRP B 300 -2.01 -11.75 7.33
C TRP B 300 -2.92 -10.54 7.53
N THR B 301 -3.93 -10.40 6.66
CA THR B 301 -4.87 -9.28 6.78
C THR B 301 -5.53 -9.23 8.15
N VAL B 302 -6.09 -10.36 8.60
CA VAL B 302 -6.87 -10.30 9.85
C VAL B 302 -5.95 -10.12 11.04
N LEU B 303 -4.71 -10.62 10.96
CA LEU B 303 -3.77 -10.47 12.07
C LEU B 303 -3.33 -9.02 12.28
N GLN B 304 -3.55 -8.14 11.31
CA GLN B 304 -3.17 -6.74 11.47
C GLN B 304 -4.23 -5.90 12.19
N GLN B 305 -5.39 -6.44 12.53
CA GLN B 305 -6.35 -5.65 13.29
C GLN B 305 -5.92 -5.61 14.76
N GLY B 306 -5.85 -4.39 15.30
CA GLY B 306 -5.32 -4.22 16.65
C GLY B 306 -6.25 -4.74 17.73
N GLU B 307 -5.68 -4.86 18.92
CA GLU B 307 -6.36 -5.31 20.13
C GLU B 307 -7.34 -4.25 20.64
N PRO B 308 -8.24 -4.62 21.56
CA PRO B 308 -9.18 -3.61 22.10
C PRO B 308 -8.50 -2.40 22.74
N ILE B 309 -7.37 -2.59 23.41
CA ILE B 309 -6.66 -1.47 24.02
C ILE B 309 -6.15 -0.47 22.98
N GLU B 310 -5.94 -0.90 21.73
CA GLU B 310 -5.59 0.00 20.64
C GLU B 310 -6.81 0.32 19.76
N GLY B 311 -8.01 0.05 20.25
CA GLY B 311 -9.23 0.55 19.62
C GLY B 311 -9.68 -0.22 18.41
N GLY B 312 -9.06 -1.35 18.10
CA GLY B 312 -9.49 -2.15 16.96
C GLY B 312 -9.13 -1.58 15.61
N GLY B 313 -8.21 -0.60 15.54
CA GLY B 313 -7.72 -0.12 14.26
C GLY B 313 -6.67 -1.08 13.68
N PHE B 314 -6.34 -0.90 12.40
CA PHE B 314 -5.35 -1.75 11.73
C PHE B 314 -3.96 -1.13 11.78
N ARG B 315 -2.96 -1.99 11.94
CA ARG B 315 -1.57 -1.64 11.68
C ARG B 315 -1.21 -1.97 10.23
N GLY B 316 -0.12 -1.39 9.74
CA GLY B 316 0.32 -1.62 8.39
C GLY B 316 1.40 -2.70 8.27
N ARG B 317 2.08 -3.02 9.36
CA ARG B 317 2.96 -4.18 9.34
C ARG B 317 3.19 -4.68 10.76
N THR B 318 3.62 -5.93 10.85
CA THR B 318 3.82 -6.60 12.13
C THR B 318 4.72 -5.77 13.05
N ASN B 319 4.29 -5.62 14.31
CA ASN B 319 5.04 -4.96 15.38
C ASN B 319 5.23 -3.46 15.16
N LYS B 320 4.40 -2.83 14.32
CA LYS B 320 4.30 -1.38 14.23
C LYS B 320 2.94 -0.93 14.79
N LEU B 321 2.65 0.36 14.67
CA LEU B 321 1.50 0.96 15.35
C LEU B 321 0.27 1.01 14.44
N VAL B 322 -0.91 0.92 15.07
CA VAL B 322 -2.14 1.10 14.34
C VAL B 322 -2.20 2.53 13.78
N ASP B 323 -2.96 2.68 12.71
CA ASP B 323 -3.03 3.94 11.97
C ASP B 323 -4.29 3.91 11.13
N GLY B 324 -5.13 4.94 11.26
CA GLY B 324 -6.43 4.93 10.60
C GLY B 324 -6.40 4.75 9.10
N CYS B 325 -5.33 5.18 8.42
CA CYS B 325 -5.35 5.01 6.96
C CYS B 325 -5.34 3.55 6.55
N TYR B 326 -4.85 2.64 7.40
CA TYR B 326 -4.90 1.22 7.06
C TYR B 326 -6.30 0.63 7.18
N SER B 327 -7.27 1.40 7.67
CA SER B 327 -8.65 0.96 7.53
C SER B 327 -8.99 0.69 6.08
N TRP B 328 -8.55 1.56 5.17
CA TRP B 328 -8.75 1.29 3.74
C TRP B 328 -7.76 0.24 3.22
N TRP B 329 -6.46 0.43 3.47
CA TRP B 329 -5.45 -0.43 2.83
C TRP B 329 -5.63 -1.88 3.25
N VAL B 330 -5.74 -2.11 4.55
CA VAL B 330 -5.87 -3.49 5.01
C VAL B 330 -7.33 -3.93 5.07
N GLY B 331 -8.19 -3.13 5.69
CA GLY B 331 -9.62 -3.48 5.73
C GLY B 331 -10.23 -3.60 4.35
N GLY B 332 -9.91 -2.67 3.45
CA GLY B 332 -10.43 -2.72 2.09
C GLY B 332 -9.84 -3.84 1.24
N GLY B 333 -8.74 -4.43 1.67
CA GLY B 333 -8.23 -5.63 1.01
C GLY B 333 -8.92 -6.90 1.45
N ALA B 334 -9.61 -6.86 2.59
CA ALA B 334 -10.23 -8.09 3.12
C ALA B 334 -11.27 -8.69 2.18
N PRO B 335 -12.20 -7.95 1.57
CA PRO B 335 -13.15 -8.59 0.65
C PRO B 335 -12.49 -9.21 -0.57
N VAL B 336 -11.37 -8.64 -1.01
CA VAL B 336 -10.64 -9.21 -2.15
C VAL B 336 -9.99 -10.52 -1.74
N ALA B 337 -9.30 -10.53 -0.60
CA ALA B 337 -8.71 -11.78 -0.13
C ALA B 337 -9.78 -12.82 0.11
N GLU B 338 -10.91 -12.41 0.69
CA GLU B 338 -12.00 -13.34 0.97
C GLU B 338 -12.52 -13.97 -0.32
N GLU B 339 -12.68 -13.17 -1.39
CA GLU B 339 -13.17 -13.69 -2.66
C GLU B 339 -12.17 -14.67 -3.29
N LEU B 340 -10.87 -14.38 -3.19
CA LEU B 340 -9.89 -15.30 -3.75
C LEU B 340 -9.87 -16.62 -2.97
N VAL B 341 -10.01 -16.55 -1.65
CA VAL B 341 -10.14 -17.78 -0.87
C VAL B 341 -11.38 -18.56 -1.29
N ARG B 342 -12.52 -17.87 -1.45
CA ARG B 342 -13.74 -18.55 -1.85
C ARG B 342 -13.56 -19.26 -3.18
N ARG B 343 -12.92 -18.59 -4.16
CA ARG B 343 -12.69 -19.22 -5.46
C ARG B 343 -11.84 -20.46 -5.34
N GLU B 344 -10.83 -20.45 -4.46
CA GLU B 344 -9.99 -21.62 -4.33
C GLU B 344 -10.70 -22.73 -3.56
N LYS B 345 -11.52 -22.39 -2.57
CA LYS B 345 -12.36 -23.40 -1.94
C LYS B 345 -13.27 -24.06 -2.98
N SER B 346 -13.90 -23.23 -3.82
CA SER B 346 -14.74 -23.76 -4.89
C SER B 346 -13.93 -24.61 -5.86
N ARG B 347 -12.71 -24.17 -6.19
CA ARG B 347 -11.89 -24.86 -7.19
C ARG B 347 -11.50 -26.26 -6.73
N LYS B 348 -11.20 -26.42 -5.44
CA LYS B 348 -10.76 -27.71 -4.94
C LYS B 348 -11.92 -28.70 -4.83
N VAL B 349 -13.16 -28.22 -4.85
CA VAL B 349 -14.33 -29.11 -4.89
C VAL B 349 -14.40 -29.83 -6.23
N ILE B 371 -19.00 -17.09 6.41
CA ILE B 371 -20.35 -16.56 6.64
C ILE B 371 -20.35 -15.53 7.80
N PRO B 372 -19.64 -15.78 8.91
CA PRO B 372 -19.35 -14.69 9.83
C PRO B 372 -18.38 -13.71 9.20
N PRO B 373 -18.40 -12.45 9.61
CA PRO B 373 -17.47 -11.47 9.05
C PRO B 373 -16.03 -11.85 9.35
N ILE B 374 -15.13 -11.46 8.45
CA ILE B 374 -13.76 -11.95 8.51
C ILE B 374 -12.83 -11.07 9.35
N PHE B 375 -13.15 -9.78 9.52
CA PHE B 375 -12.51 -8.93 10.50
C PHE B 375 -13.59 -8.29 11.36
N ASN B 376 -13.19 -7.65 12.45
CA ASN B 376 -14.16 -7.09 13.39
C ASN B 376 -14.68 -5.77 12.82
N ARG B 377 -15.81 -5.87 12.11
CA ARG B 377 -16.43 -4.72 11.46
C ARG B 377 -16.92 -3.68 12.47
N VAL B 378 -17.31 -4.12 13.67
CA VAL B 378 -17.76 -3.18 14.70
C VAL B 378 -16.57 -2.39 15.26
N ALA B 379 -15.50 -3.10 15.63
CA ALA B 379 -14.35 -2.44 16.26
C ALA B 379 -13.70 -1.44 15.31
N LEU B 380 -13.62 -1.76 14.02
CA LEU B 380 -13.02 -0.81 13.09
C LEU B 380 -13.82 0.47 13.04
N GLN B 381 -15.16 0.36 13.09
CA GLN B 381 -15.97 1.59 13.12
C GLN B 381 -15.72 2.37 14.40
N GLU B 382 -15.63 1.67 15.54
CA GLU B 382 -15.34 2.35 16.80
C GLU B 382 -14.00 3.08 16.75
N PHE B 383 -12.98 2.46 16.16
CA PHE B 383 -11.71 3.17 16.00
C PHE B 383 -11.91 4.45 15.20
N THR B 384 -12.65 4.37 14.10
CA THR B 384 -12.87 5.53 13.25
C THR B 384 -13.59 6.64 14.00
N LEU B 385 -14.69 6.31 14.68
CA LEU B 385 -15.51 7.34 15.34
C LEU B 385 -14.81 7.91 16.57
N VAL B 386 -14.16 7.07 17.36
CA VAL B 386 -13.64 7.49 18.66
C VAL B 386 -12.22 8.05 18.53
N ALA B 387 -11.35 7.39 17.78
CA ALA B 387 -9.93 7.74 17.79
C ALA B 387 -9.47 8.52 16.56
N ALA B 388 -10.05 8.25 15.39
CA ALA B 388 -9.53 8.83 14.16
C ALA B 388 -10.14 10.19 13.81
N GLN B 389 -11.28 10.55 14.40
CA GLN B 389 -11.82 11.88 14.17
C GLN B 389 -11.00 12.92 14.92
N GLN B 390 -10.79 14.07 14.29
CA GLN B 390 -10.27 15.22 15.01
C GLN B 390 -11.20 15.53 16.18
N ASP B 391 -10.62 16.02 17.27
CA ASP B 391 -11.41 16.38 18.44
C ASP B 391 -12.46 17.44 18.05
N PRO B 392 -13.64 17.38 18.66
CA PRO B 392 -14.75 18.24 18.21
C PRO B 392 -14.48 19.71 18.44
N GLY B 393 -15.15 20.54 17.64
CA GLY B 393 -15.06 21.99 17.79
C GLY B 393 -13.76 22.56 17.30
N SER B 394 -13.08 21.85 16.41
CA SER B 394 -11.72 22.12 15.93
C SER B 394 -11.74 22.17 14.41
N THR B 395 -10.60 21.89 13.79
CA THR B 395 -10.48 21.94 12.33
C THR B 395 -11.38 20.95 11.60
N GLY B 396 -11.87 19.91 12.26
CA GLY B 396 -12.41 18.77 11.51
C GLY B 396 -11.30 17.95 10.85
N GLY B 397 -11.73 16.95 10.07
CA GLY B 397 -10.83 16.02 9.42
C GLY B 397 -10.57 14.78 10.26
N LEU B 398 -10.00 13.76 9.62
CA LEU B 398 -9.63 12.52 10.31
C LEU B 398 -8.13 12.30 10.18
N ARG B 399 -7.59 11.45 11.07
CA ARG B 399 -6.16 11.45 11.34
C ARG B 399 -5.65 10.02 11.47
N ASP B 400 -4.33 9.92 11.54
CA ASP B 400 -3.58 8.65 11.72
C ASP B 400 -4.01 8.07 13.06
N LYS B 401 -3.77 8.83 14.11
CA LYS B 401 -4.17 8.45 15.48
C LYS B 401 -4.16 9.69 16.36
N PRO B 402 -4.59 9.60 17.63
CA PRO B 402 -4.57 10.74 18.52
C PRO B 402 -3.14 11.28 18.65
N GLY B 403 -3.05 12.59 18.71
CA GLY B 403 -1.74 13.22 18.73
C GLY B 403 -1.22 13.62 17.37
N LYS B 404 -1.91 13.23 16.29
CA LYS B 404 -1.47 13.57 14.94
C LYS B 404 -2.49 14.53 14.32
N ARG B 405 -1.99 15.52 13.58
CA ARG B 405 -2.89 16.42 12.88
C ARG B 405 -3.66 15.67 11.80
N PRO B 406 -4.94 16.01 11.58
CA PRO B 406 -5.66 15.42 10.45
C PRO B 406 -5.15 15.97 9.14
N ASP B 407 -5.32 15.18 8.07
CA ASP B 407 -4.96 15.65 6.74
C ASP B 407 -5.90 15.03 5.71
N GLN B 408 -5.75 15.48 4.46
CA GLN B 408 -6.66 15.03 3.42
C GLN B 408 -6.53 13.53 3.15
N TYR B 409 -5.31 13.01 3.19
CA TYR B 409 -5.08 11.59 2.92
C TYR B 409 -5.70 10.70 4.01
N HIS B 410 -5.50 11.04 5.28
CA HIS B 410 -6.12 10.23 6.33
C HIS B 410 -7.62 10.43 6.40
N THR B 411 -8.12 11.58 5.97
CA THR B 411 -9.56 11.78 5.91
C THR B 411 -10.17 10.83 4.90
N CYS B 412 -9.60 10.79 3.70
CA CYS B 412 -10.11 9.91 2.65
C CYS B 412 -10.00 8.44 3.04
N ASN B 413 -8.83 8.02 3.54
CA ASN B 413 -8.64 6.59 3.80
C ASN B 413 -9.42 6.12 5.02
N ASN B 414 -9.48 6.91 6.09
CA ASN B 414 -10.37 6.55 7.20
C ASN B 414 -11.81 6.35 6.72
N LEU B 415 -12.31 7.29 5.91
CA LEU B 415 -13.71 7.19 5.48
C LEU B 415 -13.91 6.03 4.51
N SER B 416 -12.94 5.79 3.61
CA SER B 416 -13.06 4.64 2.70
C SER B 416 -13.09 3.33 3.48
N GLY B 417 -12.24 3.20 4.51
CA GLY B 417 -12.27 2.00 5.34
C GLY B 417 -13.53 1.88 6.18
N LEU B 418 -14.01 3.02 6.73
CA LEU B 418 -15.28 3.00 7.44
C LEU B 418 -16.41 2.48 6.55
N SER B 419 -16.43 2.90 5.28
CA SER B 419 -17.43 2.41 4.34
C SER B 419 -17.38 0.89 4.20
N ILE B 420 -16.18 0.33 4.05
CA ILE B 420 -16.03 -1.11 3.89
C ILE B 420 -16.53 -1.83 5.15
N ALA B 421 -16.29 -1.25 6.32
CA ALA B 421 -16.76 -1.88 7.56
C ALA B 421 -18.28 -1.79 7.70
N GLN B 422 -18.89 -0.68 7.24
CA GLN B 422 -20.33 -0.49 7.39
C GLN B 422 -21.13 -1.37 6.44
N HIS B 423 -20.63 -1.58 5.23
CA HIS B 423 -21.36 -2.28 4.18
C HIS B 423 -20.61 -3.56 3.80
N LYS B 424 -21.32 -4.69 3.84
CA LYS B 424 -20.70 -5.97 3.51
C LYS B 424 -20.58 -6.10 2.00
N MET B 425 -19.36 -6.07 1.48
CA MET B 425 -19.12 -6.07 0.05
C MET B 425 -18.69 -7.47 -0.39
N SER B 426 -19.23 -7.92 -1.51
CA SER B 426 -18.76 -9.19 -2.05
C SER B 426 -18.82 -9.13 -3.56
N HIS B 427 -18.04 -9.98 -4.21
CA HIS B 427 -18.02 -10.07 -5.66
C HIS B 427 -18.94 -11.21 -6.05
N SER B 428 -19.97 -10.90 -6.83
CA SER B 428 -21.11 -11.79 -6.99
C SER B 428 -21.04 -12.51 -8.33
N PRO B 429 -20.86 -13.83 -8.35
CA PRO B 429 -20.86 -14.55 -9.65
C PRO B 429 -22.15 -14.42 -10.43
N SER B 430 -23.31 -14.41 -9.75
CA SER B 430 -24.55 -14.23 -10.49
C SER B 430 -24.63 -12.82 -11.08
N THR B 431 -24.09 -11.82 -10.38
CA THR B 431 -24.07 -10.49 -10.96
C THR B 431 -23.15 -10.43 -12.17
N VAL B 432 -21.95 -11.02 -12.07
CA VAL B 432 -21.06 -11.07 -13.22
C VAL B 432 -21.73 -11.79 -14.38
N SER B 433 -22.44 -12.88 -14.09
N SER B 433 -22.45 -12.87 -14.09
CA SER B 433 -23.14 -13.61 -15.15
CA SER B 433 -23.15 -13.61 -15.13
C SER B 433 -24.20 -12.72 -15.82
C SER B 433 -24.20 -12.74 -15.81
N SER B 434 -24.96 -11.96 -15.03
CA SER B 434 -25.96 -11.07 -15.62
C SER B 434 -25.30 -9.98 -16.44
N ASN B 435 -24.12 -9.52 -16.01
CA ASN B 435 -23.36 -8.54 -16.78
C ASN B 435 -22.92 -9.10 -18.13
N ARG B 436 -22.42 -10.33 -18.15
CA ARG B 436 -22.07 -10.98 -19.41
C ARG B 436 -23.26 -11.03 -20.35
N LEU B 437 -24.45 -11.32 -19.81
CA LEU B 437 -25.64 -11.48 -20.63
C LEU B 437 -26.10 -10.17 -21.27
N LYS B 438 -25.74 -9.03 -20.69
CA LYS B 438 -26.19 -7.76 -21.24
C LYS B 438 -25.11 -7.03 -22.02
N PHE B 439 -23.85 -7.49 -21.97
CA PHE B 439 -22.79 -6.80 -22.68
C PHE B 439 -23.04 -6.80 -24.18
N ASP B 440 -22.76 -5.67 -24.83
CA ASP B 440 -22.92 -5.49 -26.28
C ASP B 440 -21.53 -5.33 -26.89
N ALA B 441 -20.97 -6.42 -27.40
CA ALA B 441 -19.63 -6.38 -27.97
C ALA B 441 -19.56 -5.62 -29.28
N SER B 442 -20.70 -5.30 -29.91
CA SER B 442 -20.62 -4.53 -31.15
C SER B 442 -20.44 -3.04 -30.88
N LYS B 443 -20.49 -2.60 -29.63
CA LYS B 443 -20.25 -1.21 -29.27
C LYS B 443 -18.89 -1.07 -28.60
N GLY B 444 -18.17 0.00 -28.93
CA GLY B 444 -16.93 0.30 -28.24
C GLY B 444 -16.13 1.35 -28.97
N LEU B 445 -15.09 1.81 -28.29
CA LEU B 445 -14.16 2.79 -28.84
C LEU B 445 -13.12 2.09 -29.71
N PRO B 446 -12.35 2.83 -30.51
CA PRO B 446 -11.38 2.17 -31.40
C PRO B 446 -10.34 1.38 -30.61
N ALA B 447 -10.04 0.18 -31.11
CA ALA B 447 -9.01 -0.66 -30.50
C ALA B 447 -7.68 0.08 -30.47
N VAL B 448 -6.92 -0.12 -29.38
CA VAL B 448 -5.58 0.47 -29.34
C VAL B 448 -4.69 -0.24 -30.33
N LYS B 449 -3.73 0.49 -30.89
CA LYS B 449 -2.76 -0.09 -31.79
C LYS B 449 -1.53 -0.50 -30.99
N PRO B 450 -1.16 -1.77 -30.97
CA PRO B 450 -0.08 -2.20 -30.08
C PRO B 450 1.26 -1.67 -30.54
N VAL B 451 2.19 -1.60 -29.59
CA VAL B 451 3.55 -1.16 -29.90
C VAL B 451 4.26 -2.20 -30.78
N ALA B 452 4.15 -3.47 -30.42
CA ALA B 452 4.82 -4.47 -31.25
C ALA B 452 3.80 -5.18 -32.14
N PRO B 453 4.24 -5.62 -33.33
CA PRO B 453 3.28 -6.20 -34.30
C PRO B 453 2.44 -7.34 -33.75
N GLY B 454 3.01 -8.28 -33.00
CA GLY B 454 2.20 -9.35 -32.44
C GLY B 454 1.66 -9.10 -31.04
N GLY B 455 1.62 -7.83 -30.61
CA GLY B 455 1.29 -7.51 -29.22
C GLY B 455 -0.19 -7.40 -28.88
N GLY B 456 -1.08 -7.45 -29.87
CA GLY B 456 -2.51 -7.33 -29.63
C GLY B 456 -3.19 -8.67 -29.43
N TRP B 457 -4.52 -8.61 -29.32
CA TRP B 457 -5.33 -9.82 -29.29
C TRP B 457 -5.31 -10.49 -30.66
N LYS B 458 -5.51 -11.81 -30.66
CA LYS B 458 -5.34 -12.61 -31.87
C LYS B 458 -6.39 -12.27 -32.93
N ASN B 459 -7.62 -12.04 -32.51
CA ASN B 459 -8.71 -11.76 -33.44
C ASN B 459 -9.82 -11.08 -32.66
N GLU B 460 -10.89 -10.71 -33.37
CA GLU B 460 -11.98 -9.97 -32.72
C GLU B 460 -12.72 -10.84 -31.71
N ASP B 461 -12.89 -12.14 -32.01
CA ASP B 461 -13.52 -13.02 -31.04
C ASP B 461 -12.80 -12.99 -29.70
N GLU B 462 -11.47 -13.03 -29.73
CA GLU B 462 -10.72 -13.03 -28.47
C GLU B 462 -10.72 -11.65 -27.83
N ARG B 463 -10.56 -10.58 -28.62
CA ARG B 463 -10.58 -9.25 -28.03
C ARG B 463 -11.94 -8.95 -27.39
N GLN B 464 -13.02 -9.30 -28.09
CA GLN B 464 -14.35 -9.02 -27.57
C GLN B 464 -14.65 -9.86 -26.34
N ASN B 465 -14.19 -11.10 -26.32
CA ASN B 465 -14.31 -11.92 -25.11
C ASN B 465 -13.57 -11.27 -23.95
N ALA B 466 -12.38 -10.71 -24.21
CA ALA B 466 -11.64 -10.01 -23.16
C ALA B 466 -12.40 -8.78 -22.67
N ARG B 467 -12.88 -7.95 -23.60
CA ARG B 467 -13.65 -6.77 -23.19
C ARG B 467 -14.83 -7.15 -22.31
N ARG B 468 -15.57 -8.20 -22.70
CA ARG B 468 -16.74 -8.61 -21.95
C ARG B 468 -16.37 -9.05 -20.54
N GLU B 469 -15.36 -9.92 -20.42
CA GLU B 469 -14.98 -10.43 -19.10
C GLU B 469 -14.48 -9.31 -18.20
N ILE B 470 -13.69 -8.39 -18.75
CA ILE B 470 -13.08 -7.34 -17.93
C ILE B 470 -14.13 -6.34 -17.47
N TRP B 471 -15.02 -5.93 -18.38
CA TRP B 471 -16.13 -5.06 -18.01
C TRP B 471 -17.06 -5.74 -17.02
N ALA B 472 -17.41 -7.00 -17.28
CA ALA B 472 -18.44 -7.66 -16.48
C ALA B 472 -17.96 -7.91 -15.06
N ASN B 473 -16.68 -8.23 -14.88
CA ASN B 473 -16.13 -8.43 -13.54
C ASN B 473 -15.86 -7.12 -12.82
N ALA B 474 -15.47 -6.08 -13.57
CA ALA B 474 -15.27 -4.78 -12.93
C ALA B 474 -16.56 -4.28 -12.29
N LEU B 475 -17.71 -4.68 -12.83
CA LEU B 475 -19.02 -4.29 -12.32
C LEU B 475 -19.66 -5.39 -11.47
N GLY B 476 -18.84 -6.29 -10.91
CA GLY B 476 -19.38 -7.42 -10.15
C GLY B 476 -19.49 -7.25 -8.64
N TRP B 477 -19.02 -6.15 -8.08
CA TRP B 477 -19.07 -5.94 -6.64
C TRP B 477 -20.47 -5.48 -6.23
N ILE B 478 -21.00 -6.05 -5.15
CA ILE B 478 -22.31 -5.67 -4.63
C ILE B 478 -22.22 -5.46 -3.14
N GLU B 479 -23.15 -4.67 -2.61
CA GLU B 479 -23.41 -4.65 -1.18
C GLU B 479 -24.48 -5.70 -0.88
N GLU B 480 -24.19 -6.56 0.08
CA GLU B 480 -25.12 -7.64 0.41
C GLU B 480 -26.30 -7.10 1.21
N GLU B 481 -27.51 -7.38 0.72
CA GLU B 481 -28.73 -7.01 1.42
C GLU B 481 -28.74 -7.61 2.82
N GLY B 482 -29.07 -6.79 3.81
CA GLY B 482 -29.07 -7.25 5.18
C GLY B 482 -27.72 -7.31 5.87
N GLY B 483 -26.64 -6.98 5.17
CA GLY B 483 -25.33 -7.04 5.79
C GLY B 483 -24.86 -5.76 6.44
N GLU B 484 -25.67 -4.70 6.40
CA GLU B 484 -25.24 -3.40 6.89
C GLU B 484 -25.05 -3.44 8.41
N ILE B 485 -23.98 -2.82 8.89
CA ILE B 485 -23.76 -2.61 10.33
C ILE B 485 -23.34 -1.16 10.49
N ILE B 486 -24.20 -0.32 11.05
CA ILE B 486 -23.87 1.09 11.25
C ILE B 486 -23.70 1.32 12.75
N VAL B 487 -22.46 1.30 13.22
CA VAL B 487 -22.21 1.51 14.64
C VAL B 487 -22.62 2.92 15.01
N GLY B 488 -23.36 3.06 16.12
CA GLY B 488 -23.75 4.34 16.66
C GLY B 488 -25.03 4.94 16.08
N GLY B 489 -25.68 4.26 15.15
CA GLY B 489 -26.94 4.74 14.61
C GLY B 489 -26.80 5.22 13.17
N LYS B 490 -27.96 5.33 12.50
CA LYS B 490 -27.98 5.52 11.06
C LYS B 490 -27.43 6.88 10.62
N ASP B 491 -27.40 7.89 11.49
CA ASP B 491 -26.76 9.14 11.11
C ASP B 491 -25.26 8.99 10.86
N ASN B 492 -24.64 7.92 11.32
CA ASN B 492 -23.23 7.69 11.00
C ASN B 492 -23.02 7.03 9.64
N ARG B 493 -24.09 6.67 8.93
CA ARG B 493 -23.90 5.91 7.69
C ARG B 493 -23.24 6.79 6.62
N ILE B 494 -22.25 6.25 5.93
CA ILE B 494 -21.71 6.92 4.74
C ILE B 494 -21.99 6.03 3.53
N ASN B 495 -21.69 6.57 2.36
CA ASN B 495 -22.00 5.85 1.14
C ASN B 495 -21.05 4.68 0.96
N THR B 496 -21.40 3.80 0.03
CA THR B 496 -20.71 2.54 -0.19
C THR B 496 -19.62 2.72 -1.23
N THR B 497 -18.37 2.42 -0.87
CA THR B 497 -17.32 2.47 -1.88
C THR B 497 -17.16 1.09 -2.54
N THR B 498 -16.44 1.10 -3.63
CA THR B 498 -16.20 -0.16 -4.33
C THR B 498 -14.82 -0.67 -3.94
N PRO B 499 -14.68 -1.96 -3.62
CA PRO B 499 -13.38 -2.58 -3.43
C PRO B 499 -12.66 -2.57 -4.79
N VAL B 500 -11.34 -2.55 -4.74
CA VAL B 500 -10.42 -2.48 -5.92
C VAL B 500 -10.33 -1.07 -6.49
N PHE B 501 -11.44 -0.42 -6.87
CA PHE B 501 -11.35 0.89 -7.49
C PHE B 501 -11.33 2.03 -6.47
N ASN B 502 -12.02 1.86 -5.34
CA ASN B 502 -12.26 2.90 -4.32
C ASN B 502 -12.92 4.16 -4.87
N ILE B 503 -13.94 3.98 -5.72
CA ILE B 503 -14.91 5.04 -5.96
C ILE B 503 -16.30 4.44 -5.78
N LEU B 504 -17.30 5.33 -5.56
CA LEU B 504 -18.67 4.84 -5.40
C LEU B 504 -19.12 4.09 -6.65
N GLY B 505 -19.91 3.04 -6.44
CA GLY B 505 -20.48 2.31 -7.57
C GLY B 505 -21.28 3.19 -8.51
N LEU B 506 -21.99 4.18 -7.96
CA LEU B 506 -22.76 5.09 -8.81
C LEU B 506 -21.86 5.99 -9.65
N ARG B 507 -20.56 6.08 -9.35
CA ARG B 507 -19.59 6.74 -10.24
C ARG B 507 -18.96 5.74 -11.22
N LEU B 508 -18.59 4.57 -10.72
CA LEU B 508 -17.92 3.57 -11.53
C LEU B 508 -18.77 3.14 -12.72
N LYS B 509 -20.06 2.89 -12.49
CA LYS B 509 -20.88 2.29 -13.55
C LYS B 509 -21.01 3.21 -14.76
N PRO B 510 -21.45 4.48 -14.65
CA PRO B 510 -21.54 5.30 -15.87
C PRO B 510 -20.17 5.63 -16.47
N PHE B 511 -19.12 5.66 -15.64
CA PHE B 511 -17.78 5.96 -16.16
C PHE B 511 -17.28 4.82 -17.05
N ILE B 512 -17.26 3.60 -16.51
CA ILE B 512 -16.78 2.49 -17.32
C ILE B 512 -17.74 2.21 -18.47
N ASN B 513 -19.05 2.46 -18.28
CA ASN B 513 -19.97 2.27 -19.40
C ASN B 513 -19.68 3.24 -20.53
N TYR B 514 -19.23 4.45 -20.19
CA TYR B 514 -18.87 5.42 -21.23
C TYR B 514 -17.76 4.90 -22.13
N PHE B 515 -16.69 4.35 -21.53
CA PHE B 515 -15.55 3.98 -22.35
C PHE B 515 -15.75 2.66 -23.07
N TYR B 516 -16.66 1.82 -22.60
CA TYR B 516 -16.99 0.61 -23.32
C TYR B 516 -18.22 0.77 -24.21
N CYS B 517 -18.81 1.97 -24.24
CA CYS B 517 -20.00 2.30 -25.03
C CYS B 517 -21.21 1.41 -24.70
N GLN B 518 -21.39 1.13 -23.41
CA GLN B 518 -22.50 0.29 -22.96
C GLN B 518 -23.63 1.15 -22.40
N GLU B 519 -24.84 0.60 -22.51
CA GLU B 519 -26.12 1.25 -22.18
C GLU B 519 -26.14 2.75 -22.45
#